data_1BR3
# 
_entry.id   1BR3 
# 
_audit_conform.dict_name       mmcif_pdbx.dic 
_audit_conform.dict_version    5.385 
_audit_conform.dict_location   http://mmcif.pdb.org/dictionaries/ascii/mmcif_pdbx.dic 
# 
loop_
_database_2.database_id 
_database_2.database_code 
_database_2.pdbx_database_accession 
_database_2.pdbx_DOI 
PDB   1BR3         pdb_00001br3 10.2210/pdb1br3/pdb 
RCSB  UH0001       ?            ?                   
WWPDB D_1000172018 ?            ?                   
# 
loop_
_pdbx_audit_revision_history.ordinal 
_pdbx_audit_revision_history.data_content_type 
_pdbx_audit_revision_history.major_revision 
_pdbx_audit_revision_history.minor_revision 
_pdbx_audit_revision_history.revision_date 
1 'Structure model' 1 0 1999-02-23 
2 'Structure model' 1 1 2008-05-22 
3 'Structure model' 1 2 2011-07-13 
4 'Structure model' 1 3 2024-02-07 
# 
_pdbx_audit_revision_details.ordinal             1 
_pdbx_audit_revision_details.revision_ordinal    1 
_pdbx_audit_revision_details.data_content_type   'Structure model' 
_pdbx_audit_revision_details.provider            repository 
_pdbx_audit_revision_details.type                'Initial release' 
_pdbx_audit_revision_details.description         ? 
_pdbx_audit_revision_details.details             ? 
# 
loop_
_pdbx_audit_revision_group.ordinal 
_pdbx_audit_revision_group.revision_ordinal 
_pdbx_audit_revision_group.data_content_type 
_pdbx_audit_revision_group.group 
1 2 'Structure model' 'Version format compliance' 
2 3 'Structure model' 'Version format compliance' 
3 4 'Structure model' 'Data collection'           
4 4 'Structure model' 'Database references'       
5 4 'Structure model' 'Structure summary'         
# 
loop_
_pdbx_audit_revision_category.ordinal 
_pdbx_audit_revision_category.revision_ordinal 
_pdbx_audit_revision_category.data_content_type 
_pdbx_audit_revision_category.category 
1 4 'Structure model' chem_comp_atom  
2 4 'Structure model' chem_comp_bond  
3 4 'Structure model' database_2      
4 4 'Structure model' struct_keywords 
# 
loop_
_pdbx_audit_revision_item.ordinal 
_pdbx_audit_revision_item.revision_ordinal 
_pdbx_audit_revision_item.data_content_type 
_pdbx_audit_revision_item.item 
1 4 'Structure model' '_database_2.pdbx_DOI'                
2 4 'Structure model' '_database_2.pdbx_database_accession' 
3 4 'Structure model' '_struct_keywords.text'               
# 
_pdbx_database_status.status_code                     REL 
_pdbx_database_status.entry_id                        1BR3 
_pdbx_database_status.recvd_initial_deposition_date   1998-08-13 
_pdbx_database_status.deposit_site                    ? 
_pdbx_database_status.process_site                    NDB 
_pdbx_database_status.SG_entry                        . 
_pdbx_database_status.status_code_sf                  ? 
_pdbx_database_status.status_code_mr                  ? 
_pdbx_database_status.pdb_format_compatible           Y 
_pdbx_database_status.status_code_cs                  ? 
_pdbx_database_status.status_code_nmr_data            ? 
_pdbx_database_status.methods_development_category    ? 
# 
loop_
_audit_author.name 
_audit_author.pdbx_ordinal 
'Nowakowski, J.' 1 
'Shim, P.J.'     2 
'Prasad, G.S.'   3 
'Stout, C.D.'    4 
'Joyce, G.F.'    5 
# 
_citation.id                        primary 
_citation.title                     'Crystal structure of an 82-nucleotide RNA-DNA complex formed by the 10-23 DNA enzyme.' 
_citation.journal_abbrev            Nat.Struct.Biol. 
_citation.journal_volume            6 
_citation.page_first                151 
_citation.page_last                 156 
_citation.year                      1999 
_citation.journal_id_ASTM           NSBIEW 
_citation.country                   US 
_citation.journal_id_ISSN           1072-8368 
_citation.journal_id_CSD            2024 
_citation.book_publisher            ? 
_citation.pdbx_database_id_PubMed   10048927 
_citation.pdbx_database_id_DOI      10.1038/5839 
# 
loop_
_citation_author.citation_id 
_citation_author.name 
_citation_author.ordinal 
_citation_author.identifier_ORCID 
primary 'Nowakowski, J.' 1 ? 
primary 'Shim, P.J.'     2 ? 
primary 'Prasad, G.S.'   3 ? 
primary 'Stout, C.D.'    4 ? 
primary 'Joyce, G.F.'    5 ? 
# 
loop_
_entity.id 
_entity.type 
_entity.src_method 
_entity.pdbx_description 
_entity.formula_weight 
_entity.pdbx_number_of_molecules 
_entity.pdbx_ec 
_entity.pdbx_mutation 
_entity.pdbx_fragment 
_entity.details 
1 polymer syn 
;RNA (5'-R(*GP*GP*AP*CP*AP*GP*AP*UP*GP*GP*GP*AP*G)-3')
;
4299.654 1 ? ? ? 'RNA SUBSTRATE' 
2 polymer syn 'DNA (10-23 DNA ENZYME)'                                8511.482 1 ? ? ? ?               
# 
loop_
_entity_poly.entity_id 
_entity_poly.type 
_entity_poly.nstd_linkage 
_entity_poly.nstd_monomer 
_entity_poly.pdbx_seq_one_letter_code 
_entity_poly.pdbx_seq_one_letter_code_can 
_entity_poly.pdbx_strand_id 
_entity_poly.pdbx_target_identifier 
1 polyribonucleotide      no no GGACAGAUGGGAG GGACAGAUGGGAG                A ? 
2 polydeoxyribonucleotide no no 
;(DG)(DC)(DT)(DC)(DC)(DC)(DA)(DG)(DG)(DC)(DT)(DA)(DG)(DC)(DT)(DA)(DC)(DA)(DA)(DC)
(DG)(DA)(DC)(DT)(DG)(DT)(DC)(DC)
;
GCTCCCAGGCTAGCTACAACGACTGTCC B ? 
# 
loop_
_entity_poly_seq.entity_id 
_entity_poly_seq.num 
_entity_poly_seq.mon_id 
_entity_poly_seq.hetero 
1 1  G  n 
1 2  G  n 
1 3  A  n 
1 4  C  n 
1 5  A  n 
1 6  G  n 
1 7  A  n 
1 8  U  n 
1 9  G  n 
1 10 G  n 
1 11 G  n 
1 12 A  n 
1 13 G  n 
2 1  DG n 
2 2  DC n 
2 3  DT n 
2 4  DC n 
2 5  DC n 
2 6  DC n 
2 7  DA n 
2 8  DG n 
2 9  DG n 
2 10 DC n 
2 11 DT n 
2 12 DA n 
2 13 DG n 
2 14 DC n 
2 15 DT n 
2 16 DA n 
2 17 DC n 
2 18 DA n 
2 19 DA n 
2 20 DC n 
2 21 DG n 
2 22 DA n 
2 23 DC n 
2 24 DT n 
2 25 DG n 
2 26 DT n 
2 27 DC n 
2 28 DC n 
# 
loop_
_chem_comp.id 
_chem_comp.type 
_chem_comp.mon_nstd_flag 
_chem_comp.name 
_chem_comp.pdbx_synonyms 
_chem_comp.formula 
_chem_comp.formula_weight 
A  'RNA linking' y "ADENOSINE-5'-MONOPHOSPHATE"         ? 'C10 H14 N5 O7 P' 347.221 
C  'RNA linking' y "CYTIDINE-5'-MONOPHOSPHATE"          ? 'C9 H14 N3 O8 P'  323.197 
DA 'DNA linking' y "2'-DEOXYADENOSINE-5'-MONOPHOSPHATE" ? 'C10 H14 N5 O6 P' 331.222 
DC 'DNA linking' y "2'-DEOXYCYTIDINE-5'-MONOPHOSPHATE"  ? 'C9 H14 N3 O7 P'  307.197 
DG 'DNA linking' y "2'-DEOXYGUANOSINE-5'-MONOPHOSPHATE" ? 'C10 H14 N5 O7 P' 347.221 
DT 'DNA linking' y "THYMIDINE-5'-MONOPHOSPHATE"         ? 'C10 H15 N2 O8 P' 322.208 
G  'RNA linking' y "GUANOSINE-5'-MONOPHOSPHATE"         ? 'C10 H14 N5 O8 P' 363.221 
U  'RNA linking' y "URIDINE-5'-MONOPHOSPHATE"           ? 'C9 H13 N2 O9 P'  324.181 
# 
loop_
_pdbx_poly_seq_scheme.asym_id 
_pdbx_poly_seq_scheme.entity_id 
_pdbx_poly_seq_scheme.seq_id 
_pdbx_poly_seq_scheme.mon_id 
_pdbx_poly_seq_scheme.ndb_seq_num 
_pdbx_poly_seq_scheme.pdb_seq_num 
_pdbx_poly_seq_scheme.auth_seq_num 
_pdbx_poly_seq_scheme.pdb_mon_id 
_pdbx_poly_seq_scheme.auth_mon_id 
_pdbx_poly_seq_scheme.pdb_strand_id 
_pdbx_poly_seq_scheme.pdb_ins_code 
_pdbx_poly_seq_scheme.hetero 
A 1 1  G  1  1  1  G  G A . n 
A 1 2  G  2  2  2  G  G A . n 
A 1 3  A  3  3  3  A  A A . n 
A 1 4  C  4  4  4  C  C A . n 
A 1 5  A  5  5  5  A  A A . n 
A 1 6  G  6  6  6  G  G A . n 
A 1 7  A  7  7  7  A  A A . n 
A 1 8  U  8  8  8  U  U A . n 
A 1 9  G  9  9  9  G  G A . n 
A 1 10 G  10 10 10 G  G A . n 
A 1 11 G  11 11 11 G  G A . n 
A 1 12 A  12 12 12 A  A A . n 
A 1 13 G  13 13 13 G  G A . n 
B 2 1  DG 1  14 14 DG G B . n 
B 2 2  DC 2  15 15 DC C B . n 
B 2 3  DT 3  16 16 DT T B . n 
B 2 4  DC 4  17 17 DC C B . n 
B 2 5  DC 5  18 18 DC C B . n 
B 2 6  DC 6  19 19 DC C B . n 
B 2 7  DA 7  20 20 DA A B . n 
B 2 8  DG 8  21 21 DG G B . n 
B 2 9  DG 9  22 22 DG G B . n 
B 2 10 DC 10 23 23 DC C B . n 
B 2 11 DT 11 24 24 DT T B . n 
B 2 12 DA 12 25 25 DA A B . n 
B 2 13 DG 13 26 26 DG G B . n 
B 2 14 DC 14 27 27 DC C B . n 
B 2 15 DT 15 28 28 DT T B . n 
B 2 16 DA 16 29 29 DA A B . n 
B 2 17 DC 17 30 30 DC C B . n 
B 2 18 DA 18 31 31 DA A B . n 
B 2 19 DA 19 32 32 DA A B . n 
B 2 20 DC 20 33 33 DC C B . n 
B 2 21 DG 21 34 34 DG G B . n 
B 2 22 DA 22 35 35 DA A B . n 
B 2 23 DC 23 36 36 DC C B . n 
B 2 24 DT 24 37 37 DT T B . n 
B 2 25 DG 25 38 38 DG G B . n 
B 2 26 DT 26 39 39 DT T B . n 
B 2 27 DC 27 40 40 DC C B . n 
B 2 28 DC 28 41 41 DC C B . n 
# 
loop_
_software.name 
_software.classification 
_software.version 
_software.citation_id 
_software.pdbx_ordinal 
X-PLOR   refinement       3.851            ? 1 
SOFTWARE 'data reduction' 'AT SYNCHROTRON' ? 2 
# 
_cell.entry_id           1BR3 
_cell.length_a           63.450 
_cell.length_b           63.450 
_cell.length_c           216.510 
_cell.angle_alpha        90.00 
_cell.angle_beta         90.00 
_cell.angle_gamma        120.00 
_cell.Z_PDB              12 
_cell.pdbx_unique_axis   ? 
_cell.length_a_esd       ? 
_cell.length_b_esd       ? 
_cell.length_c_esd       ? 
_cell.angle_alpha_esd    ? 
_cell.angle_beta_esd     ? 
_cell.angle_gamma_esd    ? 
# 
_symmetry.entry_id                         1BR3 
_symmetry.space_group_name_H-M             'P 61 2 2' 
_symmetry.pdbx_full_space_group_name_H-M   ? 
_symmetry.cell_setting                     hexagonal 
_symmetry.Int_Tables_number                178 
_symmetry.space_group_name_Hall            ? 
# 
_exptl.entry_id          1BR3 
_exptl.method            'X-RAY DIFFRACTION' 
_exptl.crystals_number   10 
# 
_exptl_crystal.id                    1 
_exptl_crystal.density_meas          ? 
_exptl_crystal.density_Matthews      4.77 
_exptl_crystal.density_percent_sol   74.23 
_exptl_crystal.description           ? 
_exptl_crystal.F_000                 ? 
_exptl_crystal.preparation           ? 
# 
_exptl_crystal_grow.crystal_id      1 
_exptl_crystal_grow.method          ? 
_exptl_crystal_grow.temp            ? 
_exptl_crystal_grow.temp_details    ? 
_exptl_crystal_grow.pH              6.50 
_exptl_crystal_grow.pdbx_details    'pH 6.50' 
_exptl_crystal_grow.pdbx_pH_range   . 
# 
_diffrn.id                     1 
_diffrn.ambient_temp           100.0 
_diffrn.ambient_temp_details   ? 
_diffrn.crystal_id             1 
# 
_diffrn_detector.diffrn_id              1 
_diffrn_detector.detector               'IMAGE PLATE' 
_diffrn_detector.type                   ? 
_diffrn_detector.pdbx_collection_date   1998-02-15 
_diffrn_detector.details                ? 
# 
_diffrn_radiation.diffrn_id                        1 
_diffrn_radiation.wavelength_id                    1 
_diffrn_radiation.pdbx_monochromatic_or_laue_m_l   M 
_diffrn_radiation.monochromator                    ? 
_diffrn_radiation.pdbx_diffrn_protocol             'SINGLE WAVELENGTH' 
_diffrn_radiation.pdbx_scattering_type             x-ray 
# 
_diffrn_radiation_wavelength.id           1 
_diffrn_radiation_wavelength.wavelength   0.980 
_diffrn_radiation_wavelength.wt           1.0 
# 
_diffrn_source.diffrn_id                   1 
_diffrn_source.source                      SYNCHROTRON 
_diffrn_source.type                        'SSRL BEAMLINE BL9-1' 
_diffrn_source.pdbx_synchrotron_site       SSRL 
_diffrn_source.pdbx_synchrotron_beamline   BL9-1 
_diffrn_source.pdbx_wavelength             0.980 
_diffrn_source.pdbx_wavelength_list        ? 
# 
_reflns.entry_id                     1BR3 
_reflns.observed_criterion_sigma_I   2.000 
_reflns.observed_criterion_sigma_F   ? 
_reflns.d_resolution_low             30.000 
_reflns.d_resolution_high            3.000 
_reflns.number_obs                   5739 
_reflns.number_all                   ? 
_reflns.percent_possible_obs         98.2 
_reflns.pdbx_Rmerge_I_obs            ? 
_reflns.pdbx_Rsym_value              4.3000000 
_reflns.pdbx_netI_over_sigmaI        5.8000 
_reflns.B_iso_Wilson_estimate        ? 
_reflns.pdbx_redundancy              4.100 
_reflns.R_free_details               ? 
_reflns.pdbx_chi_squared             ? 
_reflns.pdbx_scaling_rejects         ? 
_reflns.pdbx_diffrn_id               1 
_reflns.pdbx_ordinal                 1 
# 
_reflns_shell.d_res_high             3.00 
_reflns_shell.d_res_low              3.20 
_reflns_shell.percent_possible_all   98.0 
_reflns_shell.Rmerge_I_obs           ? 
_reflns_shell.pdbx_Rsym_value        ? 
_reflns_shell.meanI_over_sigI_obs    3.800 
_reflns_shell.pdbx_redundancy        4.00 
_reflns_shell.percent_possible_obs   ? 
_reflns_shell.number_unique_all      ? 
_reflns_shell.number_measured_all    ? 
_reflns_shell.number_measured_obs    ? 
_reflns_shell.number_unique_obs      ? 
_reflns_shell.pdbx_chi_squared       ? 
_reflns_shell.pdbx_diffrn_id         ? 
_reflns_shell.pdbx_ordinal           1 
# 
_refine.entry_id                                 1BR3 
_refine.ls_number_reflns_obs                     5739 
_refine.ls_number_reflns_all                     ? 
_refine.pdbx_ls_sigma_I                          ? 
_refine.pdbx_ls_sigma_F                          2.000 
_refine.pdbx_data_cutoff_high_absF               ? 
_refine.pdbx_data_cutoff_low_absF                ? 
_refine.pdbx_data_cutoff_high_rms_absF           ? 
_refine.ls_d_res_low                             30.00 
_refine.ls_d_res_high                            3.00 
_refine.ls_percent_reflns_obs                    98.2 
_refine.ls_R_factor_obs                          0.2270000 
_refine.ls_R_factor_all                          ? 
_refine.ls_R_factor_R_work                       0.2270000 
_refine.ls_R_factor_R_free                       0.2510000 
_refine.ls_R_factor_R_free_error                 ? 
_refine.ls_R_factor_R_free_error_details         ? 
_refine.ls_percent_reflns_R_free                 10.000 
_refine.ls_number_reflns_R_free                  573 
_refine.ls_number_parameters                     ? 
_refine.ls_number_restraints                     ? 
_refine.occupancy_min                            ? 
_refine.occupancy_max                            ? 
_refine.B_iso_mean                               ? 
_refine.aniso_B[1][1]                            ? 
_refine.aniso_B[2][2]                            ? 
_refine.aniso_B[3][3]                            ? 
_refine.aniso_B[1][2]                            ? 
_refine.aniso_B[1][3]                            ? 
_refine.aniso_B[2][3]                            ? 
_refine.solvent_model_details                    ? 
_refine.solvent_model_param_ksol                 ? 
_refine.solvent_model_param_bsol                 ? 
_refine.pdbx_ls_cross_valid_method               THROUGHOUT 
_refine.details                                  ? 
_refine.pdbx_starting_model                      ? 
_refine.pdbx_method_to_determine_struct          MIR 
_refine.pdbx_isotropic_thermal_model             ? 
_refine.pdbx_stereochemistry_target_values       ? 
_refine.pdbx_stereochem_target_val_spec_case     ? 
_refine.pdbx_R_Free_selection_details            RANDOM 
_refine.pdbx_overall_ESU_R                       ? 
_refine.pdbx_overall_ESU_R_Free                  ? 
_refine.overall_SU_ML                            ? 
_refine.overall_SU_B                             ? 
_refine.ls_redundancy_reflns_obs                 ? 
_refine.correlation_coeff_Fo_to_Fc               ? 
_refine.correlation_coeff_Fo_to_Fc_free          ? 
_refine.pdbx_solvent_vdw_probe_radii             ? 
_refine.pdbx_solvent_ion_probe_radii             ? 
_refine.pdbx_solvent_shrinkage_radii             ? 
_refine.overall_SU_R_Cruickshank_DPI             ? 
_refine.overall_SU_R_free                        ? 
_refine.pdbx_refine_id                           'X-RAY DIFFRACTION' 
_refine.pdbx_overall_phase_error                 ? 
_refine.ls_wR_factor_R_free                      ? 
_refine.ls_wR_factor_R_work                      ? 
_refine.overall_FOM_free_R_set                   ? 
_refine.overall_FOM_work_R_set                   ? 
_refine.pdbx_diffrn_id                           1 
_refine.pdbx_TLS_residual_ADP_flag               ? 
_refine.pdbx_overall_SU_R_free_Cruickshank_DPI   ? 
_refine.pdbx_overall_SU_R_Blow_DPI               ? 
_refine.pdbx_overall_SU_R_free_Blow_DPI          ? 
# 
_refine_hist.pdbx_refine_id                   'X-RAY DIFFRACTION' 
_refine_hist.cycle_id                         LAST 
_refine_hist.pdbx_number_atoms_protein        0 
_refine_hist.pdbx_number_atoms_nucleic_acid   850 
_refine_hist.pdbx_number_atoms_ligand         0 
_refine_hist.number_atoms_solvent             0 
_refine_hist.number_atoms_total               850 
_refine_hist.d_res_high                       3.00 
_refine_hist.d_res_low                        30.00 
# 
loop_
_refine_ls_restr.type 
_refine_ls_restr.dev_ideal 
_refine_ls_restr.dev_ideal_target 
_refine_ls_restr.weight 
_refine_ls_restr.number 
_refine_ls_restr.pdbx_refine_id 
_refine_ls_restr.pdbx_restraint_function 
x_bond_d                0.010 ? ? ? 'X-RAY DIFFRACTION' ? 
x_bond_d_na             ?     ? ? ? 'X-RAY DIFFRACTION' ? 
x_bond_d_prot           ?     ? ? ? 'X-RAY DIFFRACTION' ? 
x_angle_d               ?     ? ? ? 'X-RAY DIFFRACTION' ? 
x_angle_d_na            ?     ? ? ? 'X-RAY DIFFRACTION' ? 
x_angle_d_prot          ?     ? ? ? 'X-RAY DIFFRACTION' ? 
x_angle_deg             1.24  ? ? ? 'X-RAY DIFFRACTION' ? 
x_angle_deg_na          ?     ? ? ? 'X-RAY DIFFRACTION' ? 
x_angle_deg_prot        ?     ? ? ? 'X-RAY DIFFRACTION' ? 
x_dihedral_angle_d      28.30 ? ? ? 'X-RAY DIFFRACTION' ? 
x_dihedral_angle_d_na   ?     ? ? ? 'X-RAY DIFFRACTION' ? 
x_dihedral_angle_d_prot ?     ? ? ? 'X-RAY DIFFRACTION' ? 
x_improper_angle_d      ?     ? ? ? 'X-RAY DIFFRACTION' ? 
x_improper_angle_d_na   ?     ? ? ? 'X-RAY DIFFRACTION' ? 
x_improper_angle_d_prot ?     ? ? ? 'X-RAY DIFFRACTION' ? 
x_mcbond_it             ?     ? ? ? 'X-RAY DIFFRACTION' ? 
x_mcangle_it            ?     ? ? ? 'X-RAY DIFFRACTION' ? 
x_scbond_it             ?     ? ? ? 'X-RAY DIFFRACTION' ? 
x_scangle_it            ?     ? ? ? 'X-RAY DIFFRACTION' ? 
# 
_refine_ls_shell.pdbx_total_number_of_bins_used   8 
_refine_ls_shell.d_res_high                       3.00 
_refine_ls_shell.d_res_low                        3.14 
_refine_ls_shell.number_reflns_R_work             588 
_refine_ls_shell.R_factor_R_work                  0.4800000 
_refine_ls_shell.percent_reflns_obs               ? 
_refine_ls_shell.R_factor_R_free                  0.5400000 
_refine_ls_shell.R_factor_R_free_error            ? 
_refine_ls_shell.percent_reflns_R_free            10.00 
_refine_ls_shell.number_reflns_R_free             84 
_refine_ls_shell.redundancy_reflns_obs            ? 
_refine_ls_shell.pdbx_refine_id                   'X-RAY DIFFRACTION' 
_refine_ls_shell.number_reflns_all                ? 
_refine_ls_shell.number_reflns_obs                ? 
_refine_ls_shell.R_factor_all                     ? 
# 
_pdbx_xplor_file.serial_no        1 
_pdbx_xplor_file.param_file       DNA-RNA-MULTI-END.PARAM 
_pdbx_xplor_file.topol_file       TOP_NDBX3.DNA 
_pdbx_xplor_file.pdbx_refine_id   'X-RAY DIFFRACTION' 
# 
_struct.entry_id                  1BR3 
_struct.title                     'CRYSTAL STRUCTURE OF AN 82-NUCLEOTIDE RNA-DNA COMPLEX FORMED BY THE 10-23 DNA ENZYME' 
_struct.pdbx_model_details        ? 
_struct.pdbx_CASP_flag            ? 
_struct.pdbx_model_type_details   ? 
# 
_struct_keywords.entry_id        1BR3 
_struct_keywords.pdbx_keywords   'DNA-RNA HYBRID' 
_struct_keywords.text            'DNA ENZYME, RIBOZYME, HOLLIDAY JUNCTION, DNA/RNA HYBRID, DNA-RNA HYBRID complex, DNA-RNA HYBRID' 
# 
loop_
_struct_asym.id 
_struct_asym.pdbx_blank_PDB_chainid_flag 
_struct_asym.pdbx_modified 
_struct_asym.entity_id 
_struct_asym.details 
A N N 1 ? 
B N N 2 ? 
# 
loop_
_struct_ref.id 
_struct_ref.entity_id 
_struct_ref.db_name 
_struct_ref.db_code 
_struct_ref.pdbx_db_accession 
_struct_ref.pdbx_align_begin 
_struct_ref.pdbx_seq_one_letter_code 
_struct_ref.pdbx_db_isoform 
1 1 PDB 1BR3 1BR3 ? ? ? 
2 2 PDB 1BR3 1BR3 ? ? ? 
# 
loop_
_struct_ref_seq.align_id 
_struct_ref_seq.ref_id 
_struct_ref_seq.pdbx_PDB_id_code 
_struct_ref_seq.pdbx_strand_id 
_struct_ref_seq.seq_align_beg 
_struct_ref_seq.pdbx_seq_align_beg_ins_code 
_struct_ref_seq.seq_align_end 
_struct_ref_seq.pdbx_seq_align_end_ins_code 
_struct_ref_seq.pdbx_db_accession 
_struct_ref_seq.db_align_beg 
_struct_ref_seq.pdbx_db_align_beg_ins_code 
_struct_ref_seq.db_align_end 
_struct_ref_seq.pdbx_db_align_end_ins_code 
_struct_ref_seq.pdbx_auth_seq_align_beg 
_struct_ref_seq.pdbx_auth_seq_align_end 
1 1 1BR3 A 1 ? 13 ? 1BR3 1  ? 13 ? 1  13 
2 2 1BR3 B 1 ? 28 ? 1BR3 14 ? 41 ? 14 41 
# 
_pdbx_struct_assembly.id                   1 
_pdbx_struct_assembly.details              author_defined_assembly 
_pdbx_struct_assembly.method_details       ? 
_pdbx_struct_assembly.oligomeric_details   tetrameric 
_pdbx_struct_assembly.oligomeric_count     4 
# 
_pdbx_struct_assembly_gen.assembly_id       1 
_pdbx_struct_assembly_gen.oper_expression   1,2 
_pdbx_struct_assembly_gen.asym_id_list      A,B 
# 
loop_
_pdbx_struct_oper_list.id 
_pdbx_struct_oper_list.type 
_pdbx_struct_oper_list.name 
_pdbx_struct_oper_list.symmetry_operation 
_pdbx_struct_oper_list.matrix[1][1] 
_pdbx_struct_oper_list.matrix[1][2] 
_pdbx_struct_oper_list.matrix[1][3] 
_pdbx_struct_oper_list.vector[1] 
_pdbx_struct_oper_list.matrix[2][1] 
_pdbx_struct_oper_list.matrix[2][2] 
_pdbx_struct_oper_list.matrix[2][3] 
_pdbx_struct_oper_list.vector[2] 
_pdbx_struct_oper_list.matrix[3][1] 
_pdbx_struct_oper_list.matrix[3][2] 
_pdbx_struct_oper_list.matrix[3][3] 
_pdbx_struct_oper_list.vector[3] 
1 'identity operation'         1_555 x,y,z     1.0000000000 0.0000000000 0.0000000000 0.0000000000 0.0000000000 1.0000000000  0.0000000000 0.0000000000  0.0000000000 0.0000000000 1.0000000000  0.0000000000   
2 'crystal symmetry operation' 8_555 x-y,-y,-z 0.0286083333 0.9920144172 0.1228371248 6.2927578916 0.9920144172 -0.0432776285 0.1184670538 -4.6779018598 0.1228371248 0.1184670538 -0.9853307048 -14.9159883220 
# 
_struct_biol.id                    1 
_struct_biol.pdbx_parent_biol_id   ? 
_struct_biol.details               ? 
# 
loop_
_struct_conn.id 
_struct_conn.conn_type_id 
_struct_conn.pdbx_leaving_atom_flag 
_struct_conn.pdbx_PDB_id 
_struct_conn.ptnr1_label_asym_id 
_struct_conn.ptnr1_label_comp_id 
_struct_conn.ptnr1_label_seq_id 
_struct_conn.ptnr1_label_atom_id 
_struct_conn.pdbx_ptnr1_label_alt_id 
_struct_conn.pdbx_ptnr1_PDB_ins_code 
_struct_conn.pdbx_ptnr1_standard_comp_id 
_struct_conn.ptnr1_symmetry 
_struct_conn.ptnr2_label_asym_id 
_struct_conn.ptnr2_label_comp_id 
_struct_conn.ptnr2_label_seq_id 
_struct_conn.ptnr2_label_atom_id 
_struct_conn.pdbx_ptnr2_label_alt_id 
_struct_conn.pdbx_ptnr2_PDB_ins_code 
_struct_conn.ptnr1_auth_asym_id 
_struct_conn.ptnr1_auth_comp_id 
_struct_conn.ptnr1_auth_seq_id 
_struct_conn.ptnr2_auth_asym_id 
_struct_conn.ptnr2_auth_comp_id 
_struct_conn.ptnr2_auth_seq_id 
_struct_conn.ptnr2_symmetry 
_struct_conn.pdbx_ptnr3_label_atom_id 
_struct_conn.pdbx_ptnr3_label_seq_id 
_struct_conn.pdbx_ptnr3_label_comp_id 
_struct_conn.pdbx_ptnr3_label_asym_id 
_struct_conn.pdbx_ptnr3_label_alt_id 
_struct_conn.pdbx_ptnr3_PDB_ins_code 
_struct_conn.details 
_struct_conn.pdbx_dist_value 
_struct_conn.pdbx_value_order 
_struct_conn.pdbx_role 
hydrog1  hydrog ? ? A G  1  N1 ? ? ? 1_555 B DC 28 N3 ? ? A G  1  B DC 41 1_555 ? ? ? ? ? ? WATSON-CRICK    ? ? ? 
hydrog2  hydrog ? ? A G  1  N2 ? ? ? 1_555 B DC 28 O2 ? ? A G  1  B DC 41 1_555 ? ? ? ? ? ? WATSON-CRICK    ? ? ? 
hydrog3  hydrog ? ? A G  1  O6 ? ? ? 1_555 B DC 28 N4 ? ? A G  1  B DC 41 1_555 ? ? ? ? ? ? WATSON-CRICK    ? ? ? 
hydrog4  hydrog ? ? A G  2  N1 ? ? ? 1_555 B DC 27 N3 ? ? A G  2  B DC 40 1_555 ? ? ? ? ? ? WATSON-CRICK    ? ? ? 
hydrog5  hydrog ? ? A G  2  N2 ? ? ? 1_555 B DC 27 O2 ? ? A G  2  B DC 40 1_555 ? ? ? ? ? ? WATSON-CRICK    ? ? ? 
hydrog6  hydrog ? ? A G  2  O6 ? ? ? 1_555 B DC 27 N4 ? ? A G  2  B DC 40 1_555 ? ? ? ? ? ? WATSON-CRICK    ? ? ? 
hydrog7  hydrog ? ? A A  3  N1 ? ? ? 1_555 B DG 25 N1 ? ? A A  3  B DG 38 1_555 ? ? ? ? ? ? TYPE_8_PAIR     ? ? ? 
hydrog8  hydrog ? ? A A  3  N6 ? ? ? 1_555 B DG 25 O6 ? ? A A  3  B DG 38 1_555 ? ? ? ? ? ? TYPE_8_PAIR     ? ? ? 
hydrog9  hydrog ? ? A A  3  N1 ? ? ? 1_555 B DT 26 N3 ? ? A A  3  B DT 39 1_555 ? ? ? ? ? ? WATSON-CRICK    ? ? ? 
hydrog10 hydrog ? ? A A  3  N6 ? ? ? 1_555 B DT 26 O4 ? ? A A  3  B DT 39 1_555 ? ? ? ? ? ? WATSON-CRICK    ? ? ? 
hydrog11 hydrog ? ? A C  4  N3 ? ? ? 1_555 B DG 25 N1 ? ? A C  4  B DG 38 1_555 ? ? ? ? ? ? WATSON-CRICK    ? ? ? 
hydrog12 hydrog ? ? A C  4  N4 ? ? ? 1_555 B DG 25 O6 ? ? A C  4  B DG 38 1_555 ? ? ? ? ? ? WATSON-CRICK    ? ? ? 
hydrog13 hydrog ? ? A C  4  O2 ? ? ? 1_555 B DG 25 N2 ? ? A C  4  B DG 38 1_555 ? ? ? ? ? ? WATSON-CRICK    ? ? ? 
hydrog14 hydrog ? ? A A  5  N1 ? ? ? 1_555 B DT 24 N3 ? ? A A  5  B DT 37 1_555 ? ? ? ? ? ? 'A-DT PAIR'     ? ? ? 
hydrog15 hydrog ? ? A G  6  N1 ? ? ? 1_555 B DC 23 N3 ? ? A G  6  B DC 36 1_555 ? ? ? ? ? ? WATSON-CRICK    ? ? ? 
hydrog16 hydrog ? ? A G  6  N2 ? ? ? 1_555 B DC 23 O2 ? ? A G  6  B DC 36 1_555 ? ? ? ? ? ? WATSON-CRICK    ? ? ? 
hydrog17 hydrog ? ? A G  6  O6 ? ? ? 1_555 B DC 23 N4 ? ? A G  6  B DC 36 1_555 ? ? ? ? ? ? WATSON-CRICK    ? ? ? 
hydrog18 hydrog ? ? B DT 15 N3 ? ? ? 1_555 B DA 22 N1 ? ? B DT 28 B DA 35 1_555 ? ? ? ? ? ? WATSON-CRICK    ? ? ? 
hydrog19 hydrog ? ? B DT 15 O4 ? ? ? 1_555 B DA 22 N6 ? ? B DT 28 B DA 35 1_555 ? ? ? ? ? ? WATSON-CRICK    ? ? ? 
hydrog20 hydrog ? ? B DA 16 N3 ? ? ? 1_555 B DC 20 N4 ? ? B DA 29 B DC 33 1_555 ? ? ? ? ? ? 'DA-DC MISPAIR' ? ? ? 
# 
_struct_conn_type.id          hydrog 
_struct_conn_type.criteria    ? 
_struct_conn_type.reference   ? 
# 
loop_
_pdbx_validate_rmsd_angle.id 
_pdbx_validate_rmsd_angle.PDB_model_num 
_pdbx_validate_rmsd_angle.auth_atom_id_1 
_pdbx_validate_rmsd_angle.auth_asym_id_1 
_pdbx_validate_rmsd_angle.auth_comp_id_1 
_pdbx_validate_rmsd_angle.auth_seq_id_1 
_pdbx_validate_rmsd_angle.PDB_ins_code_1 
_pdbx_validate_rmsd_angle.label_alt_id_1 
_pdbx_validate_rmsd_angle.auth_atom_id_2 
_pdbx_validate_rmsd_angle.auth_asym_id_2 
_pdbx_validate_rmsd_angle.auth_comp_id_2 
_pdbx_validate_rmsd_angle.auth_seq_id_2 
_pdbx_validate_rmsd_angle.PDB_ins_code_2 
_pdbx_validate_rmsd_angle.label_alt_id_2 
_pdbx_validate_rmsd_angle.auth_atom_id_3 
_pdbx_validate_rmsd_angle.auth_asym_id_3 
_pdbx_validate_rmsd_angle.auth_comp_id_3 
_pdbx_validate_rmsd_angle.auth_seq_id_3 
_pdbx_validate_rmsd_angle.PDB_ins_code_3 
_pdbx_validate_rmsd_angle.label_alt_id_3 
_pdbx_validate_rmsd_angle.angle_value 
_pdbx_validate_rmsd_angle.angle_target_value 
_pdbx_validate_rmsd_angle.angle_deviation 
_pdbx_validate_rmsd_angle.angle_standard_deviation 
_pdbx_validate_rmsd_angle.linker_flag 
1 1 "O4'" B DC 17 ? ? "C4'" B DC 17 ? ? "C3'" B DC 17 ? ? 101.93 104.50 -2.57 0.40 N 
2 1 "C1'" B DA 32 ? ? "O4'" B DA 32 ? ? "C4'" B DA 32 ? ? 103.85 110.10 -6.25 1.00 N 
3 1 "C3'" B DA 32 ? ? "C2'" B DA 32 ? ? "C1'" B DA 32 ? ? 94.72  102.40 -7.68 0.80 N 
# 
loop_
_chem_comp_atom.comp_id 
_chem_comp_atom.atom_id 
_chem_comp_atom.type_symbol 
_chem_comp_atom.pdbx_aromatic_flag 
_chem_comp_atom.pdbx_stereo_config 
_chem_comp_atom.pdbx_ordinal 
A  OP3    O N N 1   
A  P      P N N 2   
A  OP1    O N N 3   
A  OP2    O N N 4   
A  "O5'"  O N N 5   
A  "C5'"  C N N 6   
A  "C4'"  C N R 7   
A  "O4'"  O N N 8   
A  "C3'"  C N S 9   
A  "O3'"  O N N 10  
A  "C2'"  C N R 11  
A  "O2'"  O N N 12  
A  "C1'"  C N R 13  
A  N9     N Y N 14  
A  C8     C Y N 15  
A  N7     N Y N 16  
A  C5     C Y N 17  
A  C6     C Y N 18  
A  N6     N N N 19  
A  N1     N Y N 20  
A  C2     C Y N 21  
A  N3     N Y N 22  
A  C4     C Y N 23  
A  HOP3   H N N 24  
A  HOP2   H N N 25  
A  "H5'"  H N N 26  
A  "H5''" H N N 27  
A  "H4'"  H N N 28  
A  "H3'"  H N N 29  
A  "HO3'" H N N 30  
A  "H2'"  H N N 31  
A  "HO2'" H N N 32  
A  "H1'"  H N N 33  
A  H8     H N N 34  
A  H61    H N N 35  
A  H62    H N N 36  
A  H2     H N N 37  
C  OP3    O N N 38  
C  P      P N N 39  
C  OP1    O N N 40  
C  OP2    O N N 41  
C  "O5'"  O N N 42  
C  "C5'"  C N N 43  
C  "C4'"  C N R 44  
C  "O4'"  O N N 45  
C  "C3'"  C N S 46  
C  "O3'"  O N N 47  
C  "C2'"  C N R 48  
C  "O2'"  O N N 49  
C  "C1'"  C N R 50  
C  N1     N N N 51  
C  C2     C N N 52  
C  O2     O N N 53  
C  N3     N N N 54  
C  C4     C N N 55  
C  N4     N N N 56  
C  C5     C N N 57  
C  C6     C N N 58  
C  HOP3   H N N 59  
C  HOP2   H N N 60  
C  "H5'"  H N N 61  
C  "H5''" H N N 62  
C  "H4'"  H N N 63  
C  "H3'"  H N N 64  
C  "HO3'" H N N 65  
C  "H2'"  H N N 66  
C  "HO2'" H N N 67  
C  "H1'"  H N N 68  
C  H41    H N N 69  
C  H42    H N N 70  
C  H5     H N N 71  
C  H6     H N N 72  
DA OP3    O N N 73  
DA P      P N N 74  
DA OP1    O N N 75  
DA OP2    O N N 76  
DA "O5'"  O N N 77  
DA "C5'"  C N N 78  
DA "C4'"  C N R 79  
DA "O4'"  O N N 80  
DA "C3'"  C N S 81  
DA "O3'"  O N N 82  
DA "C2'"  C N N 83  
DA "C1'"  C N R 84  
DA N9     N Y N 85  
DA C8     C Y N 86  
DA N7     N Y N 87  
DA C5     C Y N 88  
DA C6     C Y N 89  
DA N6     N N N 90  
DA N1     N Y N 91  
DA C2     C Y N 92  
DA N3     N Y N 93  
DA C4     C Y N 94  
DA HOP3   H N N 95  
DA HOP2   H N N 96  
DA "H5'"  H N N 97  
DA "H5''" H N N 98  
DA "H4'"  H N N 99  
DA "H3'"  H N N 100 
DA "HO3'" H N N 101 
DA "H2'"  H N N 102 
DA "H2''" H N N 103 
DA "H1'"  H N N 104 
DA H8     H N N 105 
DA H61    H N N 106 
DA H62    H N N 107 
DA H2     H N N 108 
DC OP3    O N N 109 
DC P      P N N 110 
DC OP1    O N N 111 
DC OP2    O N N 112 
DC "O5'"  O N N 113 
DC "C5'"  C N N 114 
DC "C4'"  C N R 115 
DC "O4'"  O N N 116 
DC "C3'"  C N S 117 
DC "O3'"  O N N 118 
DC "C2'"  C N N 119 
DC "C1'"  C N R 120 
DC N1     N N N 121 
DC C2     C N N 122 
DC O2     O N N 123 
DC N3     N N N 124 
DC C4     C N N 125 
DC N4     N N N 126 
DC C5     C N N 127 
DC C6     C N N 128 
DC HOP3   H N N 129 
DC HOP2   H N N 130 
DC "H5'"  H N N 131 
DC "H5''" H N N 132 
DC "H4'"  H N N 133 
DC "H3'"  H N N 134 
DC "HO3'" H N N 135 
DC "H2'"  H N N 136 
DC "H2''" H N N 137 
DC "H1'"  H N N 138 
DC H41    H N N 139 
DC H42    H N N 140 
DC H5     H N N 141 
DC H6     H N N 142 
DG OP3    O N N 143 
DG P      P N N 144 
DG OP1    O N N 145 
DG OP2    O N N 146 
DG "O5'"  O N N 147 
DG "C5'"  C N N 148 
DG "C4'"  C N R 149 
DG "O4'"  O N N 150 
DG "C3'"  C N S 151 
DG "O3'"  O N N 152 
DG "C2'"  C N N 153 
DG "C1'"  C N R 154 
DG N9     N Y N 155 
DG C8     C Y N 156 
DG N7     N Y N 157 
DG C5     C Y N 158 
DG C6     C N N 159 
DG O6     O N N 160 
DG N1     N N N 161 
DG C2     C N N 162 
DG N2     N N N 163 
DG N3     N N N 164 
DG C4     C Y N 165 
DG HOP3   H N N 166 
DG HOP2   H N N 167 
DG "H5'"  H N N 168 
DG "H5''" H N N 169 
DG "H4'"  H N N 170 
DG "H3'"  H N N 171 
DG "HO3'" H N N 172 
DG "H2'"  H N N 173 
DG "H2''" H N N 174 
DG "H1'"  H N N 175 
DG H8     H N N 176 
DG H1     H N N 177 
DG H21    H N N 178 
DG H22    H N N 179 
DT OP3    O N N 180 
DT P      P N N 181 
DT OP1    O N N 182 
DT OP2    O N N 183 
DT "O5'"  O N N 184 
DT "C5'"  C N N 185 
DT "C4'"  C N R 186 
DT "O4'"  O N N 187 
DT "C3'"  C N S 188 
DT "O3'"  O N N 189 
DT "C2'"  C N N 190 
DT "C1'"  C N R 191 
DT N1     N N N 192 
DT C2     C N N 193 
DT O2     O N N 194 
DT N3     N N N 195 
DT C4     C N N 196 
DT O4     O N N 197 
DT C5     C N N 198 
DT C7     C N N 199 
DT C6     C N N 200 
DT HOP3   H N N 201 
DT HOP2   H N N 202 
DT "H5'"  H N N 203 
DT "H5''" H N N 204 
DT "H4'"  H N N 205 
DT "H3'"  H N N 206 
DT "HO3'" H N N 207 
DT "H2'"  H N N 208 
DT "H2''" H N N 209 
DT "H1'"  H N N 210 
DT H3     H N N 211 
DT H71    H N N 212 
DT H72    H N N 213 
DT H73    H N N 214 
DT H6     H N N 215 
G  OP3    O N N 216 
G  P      P N N 217 
G  OP1    O N N 218 
G  OP2    O N N 219 
G  "O5'"  O N N 220 
G  "C5'"  C N N 221 
G  "C4'"  C N R 222 
G  "O4'"  O N N 223 
G  "C3'"  C N S 224 
G  "O3'"  O N N 225 
G  "C2'"  C N R 226 
G  "O2'"  O N N 227 
G  "C1'"  C N R 228 
G  N9     N Y N 229 
G  C8     C Y N 230 
G  N7     N Y N 231 
G  C5     C Y N 232 
G  C6     C N N 233 
G  O6     O N N 234 
G  N1     N N N 235 
G  C2     C N N 236 
G  N2     N N N 237 
G  N3     N N N 238 
G  C4     C Y N 239 
G  HOP3   H N N 240 
G  HOP2   H N N 241 
G  "H5'"  H N N 242 
G  "H5''" H N N 243 
G  "H4'"  H N N 244 
G  "H3'"  H N N 245 
G  "HO3'" H N N 246 
G  "H2'"  H N N 247 
G  "HO2'" H N N 248 
G  "H1'"  H N N 249 
G  H8     H N N 250 
G  H1     H N N 251 
G  H21    H N N 252 
G  H22    H N N 253 
U  OP3    O N N 254 
U  P      P N N 255 
U  OP1    O N N 256 
U  OP2    O N N 257 
U  "O5'"  O N N 258 
U  "C5'"  C N N 259 
U  "C4'"  C N R 260 
U  "O4'"  O N N 261 
U  "C3'"  C N S 262 
U  "O3'"  O N N 263 
U  "C2'"  C N R 264 
U  "O2'"  O N N 265 
U  "C1'"  C N R 266 
U  N1     N N N 267 
U  C2     C N N 268 
U  O2     O N N 269 
U  N3     N N N 270 
U  C4     C N N 271 
U  O4     O N N 272 
U  C5     C N N 273 
U  C6     C N N 274 
U  HOP3   H N N 275 
U  HOP2   H N N 276 
U  "H5'"  H N N 277 
U  "H5''" H N N 278 
U  "H4'"  H N N 279 
U  "H3'"  H N N 280 
U  "HO3'" H N N 281 
U  "H2'"  H N N 282 
U  "HO2'" H N N 283 
U  "H1'"  H N N 284 
U  H3     H N N 285 
U  H5     H N N 286 
U  H6     H N N 287 
# 
loop_
_chem_comp_bond.comp_id 
_chem_comp_bond.atom_id_1 
_chem_comp_bond.atom_id_2 
_chem_comp_bond.value_order 
_chem_comp_bond.pdbx_aromatic_flag 
_chem_comp_bond.pdbx_stereo_config 
_chem_comp_bond.pdbx_ordinal 
A  OP3   P      sing N N 1   
A  OP3   HOP3   sing N N 2   
A  P     OP1    doub N N 3   
A  P     OP2    sing N N 4   
A  P     "O5'"  sing N N 5   
A  OP2   HOP2   sing N N 6   
A  "O5'" "C5'"  sing N N 7   
A  "C5'" "C4'"  sing N N 8   
A  "C5'" "H5'"  sing N N 9   
A  "C5'" "H5''" sing N N 10  
A  "C4'" "O4'"  sing N N 11  
A  "C4'" "C3'"  sing N N 12  
A  "C4'" "H4'"  sing N N 13  
A  "O4'" "C1'"  sing N N 14  
A  "C3'" "O3'"  sing N N 15  
A  "C3'" "C2'"  sing N N 16  
A  "C3'" "H3'"  sing N N 17  
A  "O3'" "HO3'" sing N N 18  
A  "C2'" "O2'"  sing N N 19  
A  "C2'" "C1'"  sing N N 20  
A  "C2'" "H2'"  sing N N 21  
A  "O2'" "HO2'" sing N N 22  
A  "C1'" N9     sing N N 23  
A  "C1'" "H1'"  sing N N 24  
A  N9    C8     sing Y N 25  
A  N9    C4     sing Y N 26  
A  C8    N7     doub Y N 27  
A  C8    H8     sing N N 28  
A  N7    C5     sing Y N 29  
A  C5    C6     sing Y N 30  
A  C5    C4     doub Y N 31  
A  C6    N6     sing N N 32  
A  C6    N1     doub Y N 33  
A  N6    H61    sing N N 34  
A  N6    H62    sing N N 35  
A  N1    C2     sing Y N 36  
A  C2    N3     doub Y N 37  
A  C2    H2     sing N N 38  
A  N3    C4     sing Y N 39  
C  OP3   P      sing N N 40  
C  OP3   HOP3   sing N N 41  
C  P     OP1    doub N N 42  
C  P     OP2    sing N N 43  
C  P     "O5'"  sing N N 44  
C  OP2   HOP2   sing N N 45  
C  "O5'" "C5'"  sing N N 46  
C  "C5'" "C4'"  sing N N 47  
C  "C5'" "H5'"  sing N N 48  
C  "C5'" "H5''" sing N N 49  
C  "C4'" "O4'"  sing N N 50  
C  "C4'" "C3'"  sing N N 51  
C  "C4'" "H4'"  sing N N 52  
C  "O4'" "C1'"  sing N N 53  
C  "C3'" "O3'"  sing N N 54  
C  "C3'" "C2'"  sing N N 55  
C  "C3'" "H3'"  sing N N 56  
C  "O3'" "HO3'" sing N N 57  
C  "C2'" "O2'"  sing N N 58  
C  "C2'" "C1'"  sing N N 59  
C  "C2'" "H2'"  sing N N 60  
C  "O2'" "HO2'" sing N N 61  
C  "C1'" N1     sing N N 62  
C  "C1'" "H1'"  sing N N 63  
C  N1    C2     sing N N 64  
C  N1    C6     sing N N 65  
C  C2    O2     doub N N 66  
C  C2    N3     sing N N 67  
C  N3    C4     doub N N 68  
C  C4    N4     sing N N 69  
C  C4    C5     sing N N 70  
C  N4    H41    sing N N 71  
C  N4    H42    sing N N 72  
C  C5    C6     doub N N 73  
C  C5    H5     sing N N 74  
C  C6    H6     sing N N 75  
DA OP3   P      sing N N 76  
DA OP3   HOP3   sing N N 77  
DA P     OP1    doub N N 78  
DA P     OP2    sing N N 79  
DA P     "O5'"  sing N N 80  
DA OP2   HOP2   sing N N 81  
DA "O5'" "C5'"  sing N N 82  
DA "C5'" "C4'"  sing N N 83  
DA "C5'" "H5'"  sing N N 84  
DA "C5'" "H5''" sing N N 85  
DA "C4'" "O4'"  sing N N 86  
DA "C4'" "C3'"  sing N N 87  
DA "C4'" "H4'"  sing N N 88  
DA "O4'" "C1'"  sing N N 89  
DA "C3'" "O3'"  sing N N 90  
DA "C3'" "C2'"  sing N N 91  
DA "C3'" "H3'"  sing N N 92  
DA "O3'" "HO3'" sing N N 93  
DA "C2'" "C1'"  sing N N 94  
DA "C2'" "H2'"  sing N N 95  
DA "C2'" "H2''" sing N N 96  
DA "C1'" N9     sing N N 97  
DA "C1'" "H1'"  sing N N 98  
DA N9    C8     sing Y N 99  
DA N9    C4     sing Y N 100 
DA C8    N7     doub Y N 101 
DA C8    H8     sing N N 102 
DA N7    C5     sing Y N 103 
DA C5    C6     sing Y N 104 
DA C5    C4     doub Y N 105 
DA C6    N6     sing N N 106 
DA C6    N1     doub Y N 107 
DA N6    H61    sing N N 108 
DA N6    H62    sing N N 109 
DA N1    C2     sing Y N 110 
DA C2    N3     doub Y N 111 
DA C2    H2     sing N N 112 
DA N3    C4     sing Y N 113 
DC OP3   P      sing N N 114 
DC OP3   HOP3   sing N N 115 
DC P     OP1    doub N N 116 
DC P     OP2    sing N N 117 
DC P     "O5'"  sing N N 118 
DC OP2   HOP2   sing N N 119 
DC "O5'" "C5'"  sing N N 120 
DC "C5'" "C4'"  sing N N 121 
DC "C5'" "H5'"  sing N N 122 
DC "C5'" "H5''" sing N N 123 
DC "C4'" "O4'"  sing N N 124 
DC "C4'" "C3'"  sing N N 125 
DC "C4'" "H4'"  sing N N 126 
DC "O4'" "C1'"  sing N N 127 
DC "C3'" "O3'"  sing N N 128 
DC "C3'" "C2'"  sing N N 129 
DC "C3'" "H3'"  sing N N 130 
DC "O3'" "HO3'" sing N N 131 
DC "C2'" "C1'"  sing N N 132 
DC "C2'" "H2'"  sing N N 133 
DC "C2'" "H2''" sing N N 134 
DC "C1'" N1     sing N N 135 
DC "C1'" "H1'"  sing N N 136 
DC N1    C2     sing N N 137 
DC N1    C6     sing N N 138 
DC C2    O2     doub N N 139 
DC C2    N3     sing N N 140 
DC N3    C4     doub N N 141 
DC C4    N4     sing N N 142 
DC C4    C5     sing N N 143 
DC N4    H41    sing N N 144 
DC N4    H42    sing N N 145 
DC C5    C6     doub N N 146 
DC C5    H5     sing N N 147 
DC C6    H6     sing N N 148 
DG OP3   P      sing N N 149 
DG OP3   HOP3   sing N N 150 
DG P     OP1    doub N N 151 
DG P     OP2    sing N N 152 
DG P     "O5'"  sing N N 153 
DG OP2   HOP2   sing N N 154 
DG "O5'" "C5'"  sing N N 155 
DG "C5'" "C4'"  sing N N 156 
DG "C5'" "H5'"  sing N N 157 
DG "C5'" "H5''" sing N N 158 
DG "C4'" "O4'"  sing N N 159 
DG "C4'" "C3'"  sing N N 160 
DG "C4'" "H4'"  sing N N 161 
DG "O4'" "C1'"  sing N N 162 
DG "C3'" "O3'"  sing N N 163 
DG "C3'" "C2'"  sing N N 164 
DG "C3'" "H3'"  sing N N 165 
DG "O3'" "HO3'" sing N N 166 
DG "C2'" "C1'"  sing N N 167 
DG "C2'" "H2'"  sing N N 168 
DG "C2'" "H2''" sing N N 169 
DG "C1'" N9     sing N N 170 
DG "C1'" "H1'"  sing N N 171 
DG N9    C8     sing Y N 172 
DG N9    C4     sing Y N 173 
DG C8    N7     doub Y N 174 
DG C8    H8     sing N N 175 
DG N7    C5     sing Y N 176 
DG C5    C6     sing N N 177 
DG C5    C4     doub Y N 178 
DG C6    O6     doub N N 179 
DG C6    N1     sing N N 180 
DG N1    C2     sing N N 181 
DG N1    H1     sing N N 182 
DG C2    N2     sing N N 183 
DG C2    N3     doub N N 184 
DG N2    H21    sing N N 185 
DG N2    H22    sing N N 186 
DG N3    C4     sing N N 187 
DT OP3   P      sing N N 188 
DT OP3   HOP3   sing N N 189 
DT P     OP1    doub N N 190 
DT P     OP2    sing N N 191 
DT P     "O5'"  sing N N 192 
DT OP2   HOP2   sing N N 193 
DT "O5'" "C5'"  sing N N 194 
DT "C5'" "C4'"  sing N N 195 
DT "C5'" "H5'"  sing N N 196 
DT "C5'" "H5''" sing N N 197 
DT "C4'" "O4'"  sing N N 198 
DT "C4'" "C3'"  sing N N 199 
DT "C4'" "H4'"  sing N N 200 
DT "O4'" "C1'"  sing N N 201 
DT "C3'" "O3'"  sing N N 202 
DT "C3'" "C2'"  sing N N 203 
DT "C3'" "H3'"  sing N N 204 
DT "O3'" "HO3'" sing N N 205 
DT "C2'" "C1'"  sing N N 206 
DT "C2'" "H2'"  sing N N 207 
DT "C2'" "H2''" sing N N 208 
DT "C1'" N1     sing N N 209 
DT "C1'" "H1'"  sing N N 210 
DT N1    C2     sing N N 211 
DT N1    C6     sing N N 212 
DT C2    O2     doub N N 213 
DT C2    N3     sing N N 214 
DT N3    C4     sing N N 215 
DT N3    H3     sing N N 216 
DT C4    O4     doub N N 217 
DT C4    C5     sing N N 218 
DT C5    C7     sing N N 219 
DT C5    C6     doub N N 220 
DT C7    H71    sing N N 221 
DT C7    H72    sing N N 222 
DT C7    H73    sing N N 223 
DT C6    H6     sing N N 224 
G  OP3   P      sing N N 225 
G  OP3   HOP3   sing N N 226 
G  P     OP1    doub N N 227 
G  P     OP2    sing N N 228 
G  P     "O5'"  sing N N 229 
G  OP2   HOP2   sing N N 230 
G  "O5'" "C5'"  sing N N 231 
G  "C5'" "C4'"  sing N N 232 
G  "C5'" "H5'"  sing N N 233 
G  "C5'" "H5''" sing N N 234 
G  "C4'" "O4'"  sing N N 235 
G  "C4'" "C3'"  sing N N 236 
G  "C4'" "H4'"  sing N N 237 
G  "O4'" "C1'"  sing N N 238 
G  "C3'" "O3'"  sing N N 239 
G  "C3'" "C2'"  sing N N 240 
G  "C3'" "H3'"  sing N N 241 
G  "O3'" "HO3'" sing N N 242 
G  "C2'" "O2'"  sing N N 243 
G  "C2'" "C1'"  sing N N 244 
G  "C2'" "H2'"  sing N N 245 
G  "O2'" "HO2'" sing N N 246 
G  "C1'" N9     sing N N 247 
G  "C1'" "H1'"  sing N N 248 
G  N9    C8     sing Y N 249 
G  N9    C4     sing Y N 250 
G  C8    N7     doub Y N 251 
G  C8    H8     sing N N 252 
G  N7    C5     sing Y N 253 
G  C5    C6     sing N N 254 
G  C5    C4     doub Y N 255 
G  C6    O6     doub N N 256 
G  C6    N1     sing N N 257 
G  N1    C2     sing N N 258 
G  N1    H1     sing N N 259 
G  C2    N2     sing N N 260 
G  C2    N3     doub N N 261 
G  N2    H21    sing N N 262 
G  N2    H22    sing N N 263 
G  N3    C4     sing N N 264 
U  OP3   P      sing N N 265 
U  OP3   HOP3   sing N N 266 
U  P     OP1    doub N N 267 
U  P     OP2    sing N N 268 
U  P     "O5'"  sing N N 269 
U  OP2   HOP2   sing N N 270 
U  "O5'" "C5'"  sing N N 271 
U  "C5'" "C4'"  sing N N 272 
U  "C5'" "H5'"  sing N N 273 
U  "C5'" "H5''" sing N N 274 
U  "C4'" "O4'"  sing N N 275 
U  "C4'" "C3'"  sing N N 276 
U  "C4'" "H4'"  sing N N 277 
U  "O4'" "C1'"  sing N N 278 
U  "C3'" "O3'"  sing N N 279 
U  "C3'" "C2'"  sing N N 280 
U  "C3'" "H3'"  sing N N 281 
U  "O3'" "HO3'" sing N N 282 
U  "C2'" "O2'"  sing N N 283 
U  "C2'" "C1'"  sing N N 284 
U  "C2'" "H2'"  sing N N 285 
U  "O2'" "HO2'" sing N N 286 
U  "C1'" N1     sing N N 287 
U  "C1'" "H1'"  sing N N 288 
U  N1    C2     sing N N 289 
U  N1    C6     sing N N 290 
U  C2    O2     doub N N 291 
U  C2    N3     sing N N 292 
U  N3    C4     sing N N 293 
U  N3    H3     sing N N 294 
U  C4    O4     doub N N 295 
U  C4    C5     sing N N 296 
U  C5    C6     doub N N 297 
U  C5    H5     sing N N 298 
U  C6    H6     sing N N 299 
# 
loop_
_ndb_struct_conf_na.entry_id 
_ndb_struct_conf_na.feature 
1BR3 'double helix'         
1BR3 'a-form double helix'  
1BR3 'mismatched base pair' 
# 
loop_
_ndb_struct_na_base_pair.model_number 
_ndb_struct_na_base_pair.i_label_asym_id 
_ndb_struct_na_base_pair.i_label_comp_id 
_ndb_struct_na_base_pair.i_label_seq_id 
_ndb_struct_na_base_pair.i_symmetry 
_ndb_struct_na_base_pair.j_label_asym_id 
_ndb_struct_na_base_pair.j_label_comp_id 
_ndb_struct_na_base_pair.j_label_seq_id 
_ndb_struct_na_base_pair.j_symmetry 
_ndb_struct_na_base_pair.shear 
_ndb_struct_na_base_pair.stretch 
_ndb_struct_na_base_pair.stagger 
_ndb_struct_na_base_pair.buckle 
_ndb_struct_na_base_pair.propeller 
_ndb_struct_na_base_pair.opening 
_ndb_struct_na_base_pair.pair_number 
_ndb_struct_na_base_pair.pair_name 
_ndb_struct_na_base_pair.i_auth_asym_id 
_ndb_struct_na_base_pair.i_auth_seq_id 
_ndb_struct_na_base_pair.i_PDB_ins_code 
_ndb_struct_na_base_pair.j_auth_asym_id 
_ndb_struct_na_base_pair.j_auth_seq_id 
_ndb_struct_na_base_pair.j_PDB_ins_code 
_ndb_struct_na_base_pair.hbond_type_28 
_ndb_struct_na_base_pair.hbond_type_12 
1 A G  1  1_555 B DC 28 1_555 -0.324 -0.043 0.257  -0.615 -15.694 5.445  1 A_G1:DC41_B   A 1  ? B 41 ? 19 1 
1 A G  2  1_555 B DC 27 1_555 -0.472 -0.232 0.651  -6.137 -18.868 8.313  2 A_G2:DC40_B   A 2  ? B 40 ? 19 1 
1 A A  3  1_555 B DT 26 1_555 0.413  -0.004 0.219  -9.254 -11.367 -4.895 3 A_A3:DT39_B   A 3  ? B 39 ? 20 1 
1 A C  4  1_555 B DG 25 1_555 -0.230 0.060  0.095  3.490  -6.202  0.937  4 A_C4:DG38_B   A 4  ? B 38 ? 19 1 
1 A A  5  1_555 B DT 24 1_555 0.354  -0.072 0.554  -8.016 -12.695 17.980 5 A_A5:DT37_B   A 5  ? B 37 ? ?  1 
1 A G  6  1_555 B DC 23 1_555 0.139  0.014  0.370  -2.564 -6.540  -3.416 6 A_G6:DC36_B   A 6  ? B 36 ? 19 1 
1 B DT 15 1_555 B DA 22 1_555 -0.688 -0.279 0.600  13.738 13.408  -6.609 7 B_DT28:DA35_B B 28 ? B 35 ? 20 1 
1 B DA 16 1_555 B DC 20 1_555 6.963  -4.056 -0.460 29.424 -10.908 -8.682 8 B_DA29:DC33_B B 29 ? B 33 ? ?  ? 
# 
loop_
_ndb_struct_na_base_pair_step.model_number 
_ndb_struct_na_base_pair_step.i_label_asym_id_1 
_ndb_struct_na_base_pair_step.i_label_comp_id_1 
_ndb_struct_na_base_pair_step.i_label_seq_id_1 
_ndb_struct_na_base_pair_step.i_symmetry_1 
_ndb_struct_na_base_pair_step.j_label_asym_id_1 
_ndb_struct_na_base_pair_step.j_label_comp_id_1 
_ndb_struct_na_base_pair_step.j_label_seq_id_1 
_ndb_struct_na_base_pair_step.j_symmetry_1 
_ndb_struct_na_base_pair_step.i_label_asym_id_2 
_ndb_struct_na_base_pair_step.i_label_comp_id_2 
_ndb_struct_na_base_pair_step.i_label_seq_id_2 
_ndb_struct_na_base_pair_step.i_symmetry_2 
_ndb_struct_na_base_pair_step.j_label_asym_id_2 
_ndb_struct_na_base_pair_step.j_label_comp_id_2 
_ndb_struct_na_base_pair_step.j_label_seq_id_2 
_ndb_struct_na_base_pair_step.j_symmetry_2 
_ndb_struct_na_base_pair_step.shift 
_ndb_struct_na_base_pair_step.slide 
_ndb_struct_na_base_pair_step.rise 
_ndb_struct_na_base_pair_step.tilt 
_ndb_struct_na_base_pair_step.roll 
_ndb_struct_na_base_pair_step.twist 
_ndb_struct_na_base_pair_step.x_displacement 
_ndb_struct_na_base_pair_step.y_displacement 
_ndb_struct_na_base_pair_step.helical_rise 
_ndb_struct_na_base_pair_step.inclination 
_ndb_struct_na_base_pair_step.tip 
_ndb_struct_na_base_pair_step.helical_twist 
_ndb_struct_na_base_pair_step.step_number 
_ndb_struct_na_base_pair_step.step_name 
_ndb_struct_na_base_pair_step.i_auth_asym_id_1 
_ndb_struct_na_base_pair_step.i_auth_seq_id_1 
_ndb_struct_na_base_pair_step.i_PDB_ins_code_1 
_ndb_struct_na_base_pair_step.j_auth_asym_id_1 
_ndb_struct_na_base_pair_step.j_auth_seq_id_1 
_ndb_struct_na_base_pair_step.j_PDB_ins_code_1 
_ndb_struct_na_base_pair_step.i_auth_asym_id_2 
_ndb_struct_na_base_pair_step.i_auth_seq_id_2 
_ndb_struct_na_base_pair_step.i_PDB_ins_code_2 
_ndb_struct_na_base_pair_step.j_auth_asym_id_2 
_ndb_struct_na_base_pair_step.j_auth_seq_id_2 
_ndb_struct_na_base_pair_step.j_PDB_ins_code_2 
1 A G  1  1_555 B DC 28 1_555 A G  2  1_555 B DC 27 1_555 1.286  -1.459 3.100 1.801  4.860  35.400 -3.026 -1.853 2.940 7.940  
-2.943  35.765 1 AA_G1G2:DC40DC41_BB     A 1  ? B 41 ? A 2  ? B 40 ? 
1 A G  2  1_555 B DC 27 1_555 A A  3  1_555 B DT 26 1_555 -0.292 -1.299 3.322 7.212  0.678  40.050 -1.944 1.224  3.203 0.980  
-10.428 40.673 2 AA_G2A3:DT39DC40_BB     A 2  ? B 40 ? A 3  ? B 39 ? 
1 A A  3  1_555 B DT 26 1_555 A C  4  1_555 B DG 25 1_555 0.573  -0.445 2.683 3.554  9.242  28.999 -2.327 -0.516 2.479 17.813 
-6.850  30.608 3 AA_A3C4:DG38DT39_BB     A 3  ? B 39 ? A 4  ? B 38 ? 
1 A C  4  1_555 B DG 25 1_555 A A  5  1_555 B DT 24 1_555 0.567  -1.840 3.292 0.630  4.538  39.022 -3.264 -0.770 3.075 6.765  
-0.940  39.280 4 AA_C4A5:DT37DG38_BB     A 4  ? B 38 ? A 5  ? B 37 ? 
1 A A  5  1_555 B DT 24 1_555 A G  6  1_555 B DC 23 1_555 -0.551 -1.567 3.137 3.914  -3.356 28.993 -2.383 1.901  3.194 -6.637 
-7.740  29.438 5 AA_A5G6:DC36DT37_BB     A 5  ? B 37 ? A 6  ? B 36 ? 
1 B DT 15 1_555 B DA 22 1_555 B DA 16 1_555 B DC 20 1_555 1.009  2.786  5.654 -0.666 13.198 88.003 1.500  -0.746 5.938 9.455  
0.477   88.788 6 BB_DT28DA29:DC33DA35_BB B 28 ? B 35 ? B 29 ? B 33 ? 
# 
_atom_sites.entry_id                    1BR3 
_atom_sites.fract_transf_matrix[1][1]   0.00910237 
_atom_sites.fract_transf_matrix[1][2]   0.01419552 
_atom_sites.fract_transf_matrix[1][3]   -0.00684130 
_atom_sites.fract_transf_matrix[2][1]   -0.00439984 
_atom_sites.fract_transf_matrix[2][2]   0.00659066 
_atom_sites.fract_transf_matrix[2][3]   -0.01638206 
_atom_sites.fract_transf_matrix[3][1]   -0.00301915 
_atom_sites.fract_transf_matrix[3][2]   0.00288632 
_atom_sites.fract_transf_matrix[3][3]   0.00197207 
_atom_sites.fract_transf_vector[1]      0.219073 
_atom_sites.fract_transf_vector[2]      -0.092918 
_atom_sites.fract_transf_vector[3]      0.030958 
# 
loop_
_atom_type.symbol 
C 
N 
O 
P 
# 
loop_
_atom_site.group_PDB 
_atom_site.id 
_atom_site.type_symbol 
_atom_site.label_atom_id 
_atom_site.label_alt_id 
_atom_site.label_comp_id 
_atom_site.label_asym_id 
_atom_site.label_entity_id 
_atom_site.label_seq_id 
_atom_site.pdbx_PDB_ins_code 
_atom_site.Cartn_x 
_atom_site.Cartn_y 
_atom_site.Cartn_z 
_atom_site.occupancy 
_atom_site.B_iso_or_equiv 
_atom_site.pdbx_formal_charge 
_atom_site.auth_seq_id 
_atom_site.auth_comp_id 
_atom_site.auth_asym_id 
_atom_site.auth_atom_id 
_atom_site.pdbx_PDB_model_num 
ATOM 1   O "O5'" . G  A 1 1  ? -3.681  9.028   9.390   1.00 90.18  ? 1  G  A "O5'" 1 
ATOM 2   C "C5'" . G  A 1 1  ? -3.258  10.253  10.030  1.00 105.45 ? 1  G  A "C5'" 1 
ATOM 3   C "C4'" . G  A 1 1  ? -3.814  10.464  11.424  1.00 105.45 ? 1  G  A "C4'" 1 
ATOM 4   O "O4'" . G  A 1 1  ? -5.137  11.073  11.372  1.00 105.45 ? 1  G  A "O4'" 1 
ATOM 5   C "C3'" . G  A 1 1  ? -3.998  9.205   12.255  1.00 105.45 ? 1  G  A "C3'" 1 
ATOM 6   O "O3'" . G  A 1 1  ? -2.750  8.790   12.838  1.00 105.45 ? 1  G  A "O3'" 1 
ATOM 7   C "C2'" . G  A 1 1  ? -5.045  9.678   13.260  1.00 105.45 ? 1  G  A "C2'" 1 
ATOM 8   O "O2'" . G  A 1 1  ? -4.509  10.562  14.223  1.00 105.45 ? 1  G  A "O2'" 1 
ATOM 9   C "C1'" . G  A 1 1  ? -5.979  10.471  12.342  1.00 105.45 ? 1  G  A "C1'" 1 
ATOM 10  N N9    . G  A 1 1  ? -6.928  9.617   11.643  1.00 92.06  ? 1  G  A N9    1 
ATOM 11  C C8    . G  A 1 1  ? -6.947  9.325   10.300  1.00 92.06  ? 1  G  A C8    1 
ATOM 12  N N7    . G  A 1 1  ? -7.907  8.507   9.962   1.00 92.06  ? 1  G  A N7    1 
ATOM 13  C C5    . G  A 1 1  ? -8.560  8.246   11.155  1.00 92.06  ? 1  G  A C5    1 
ATOM 14  C C6    . G  A 1 1  ? -9.678  7.419   11.423  1.00 92.06  ? 1  G  A C6    1 
ATOM 15  O O6    . G  A 1 1  ? -10.328 6.723   10.635  1.00 92.06  ? 1  G  A O6    1 
ATOM 16  N N1    . G  A 1 1  ? -10.020 7.450   12.768  1.00 92.06  ? 1  G  A N1    1 
ATOM 17  C C2    . G  A 1 1  ? -9.366  8.182   13.730  1.00 92.06  ? 1  G  A C2    1 
ATOM 18  N N2    . G  A 1 1  ? -9.859  8.112   14.964  1.00 92.06  ? 1  G  A N2    1 
ATOM 19  N N3    . G  A 1 1  ? -8.311  8.943   13.496  1.00 92.06  ? 1  G  A N3    1 
ATOM 20  C C4    . G  A 1 1  ? -7.970  8.930   12.197  1.00 92.06  ? 1  G  A C4    1 
ATOM 21  P P     . G  A 1 2  ? -2.234  7.271   12.644  1.00 98.81  ? 2  G  A P     1 
ATOM 22  O OP1   . G  A 1 2  ? -0.824  7.260   13.140  1.00 98.81  ? 2  G  A OP1   1 
ATOM 23  O OP2   . G  A 1 2  ? -2.526  6.804   11.257  1.00 98.81  ? 2  G  A OP2   1 
ATOM 24  O "O5'" . G  A 1 2  ? -3.135  6.442   13.666  1.00 98.81  ? 2  G  A "O5'" 1 
ATOM 25  C "C5'" . G  A 1 2  ? -3.227  6.860   15.036  1.00 107.87 ? 2  G  A "C5'" 1 
ATOM 26  C "C4'" . G  A 1 2  ? -4.521  6.389   15.646  1.00 107.87 ? 2  G  A "C4'" 1 
ATOM 27  O "O4'" . G  A 1 2  ? -5.647  6.936   14.907  1.00 107.87 ? 2  G  A "O4'" 1 
ATOM 28  C "C3'" . G  A 1 2  ? -4.747  4.895   15.556  1.00 107.87 ? 2  G  A "C3'" 1 
ATOM 29  O "O3'" . G  A 1 2  ? -4.095  4.222   16.601  1.00 107.87 ? 2  G  A "O3'" 1 
ATOM 30  C "C2'" . G  A 1 2  ? -6.254  4.786   15.732  1.00 107.87 ? 2  G  A "C2'" 1 
ATOM 31  O "O2'" . G  A 1 2  ? -6.686  4.765   17.078  1.00 107.87 ? 2  G  A "O2'" 1 
ATOM 32  C "C1'" . G  A 1 2  ? -6.741  6.032   14.993  1.00 107.87 ? 2  G  A "C1'" 1 
ATOM 33  N N9    . G  A 1 2  ? -7.127  5.609   13.655  1.00 110.48 ? 2  G  A N9    1 
ATOM 34  C C8    . G  A 1 2  ? -6.473  5.833   12.470  1.00 110.48 ? 2  G  A C8    1 
ATOM 35  N N7    . G  A 1 2  ? -7.054  5.263   11.449  1.00 110.48 ? 2  G  A N7    1 
ATOM 36  C C5    . G  A 1 2  ? -8.170  4.643   11.993  1.00 110.48 ? 2  G  A C5    1 
ATOM 37  C C6    . G  A 1 2  ? -9.199  3.877   11.372  1.00 110.48 ? 2  G  A C6    1 
ATOM 38  O O6    . G  A 1 2  ? -9.348  3.607   10.166  1.00 110.48 ? 2  G  A O6    1 
ATOM 39  N N1    . G  A 1 2  ? -10.121 3.416   12.303  1.00 110.48 ? 2  G  A N1    1 
ATOM 40  C C2    . G  A 1 2  ? -10.064 3.663   13.655  1.00 110.48 ? 2  G  A C2    1 
ATOM 41  N N2    . G  A 1 2  ? -10.996 3.090   14.398  1.00 110.48 ? 2  G  A N2    1 
ATOM 42  N N3    . G  A 1 2  ? -9.137  4.402   14.238  1.00 110.48 ? 2  G  A N3    1 
ATOM 43  C C4    . G  A 1 2  ? -8.227  4.849   13.354  1.00 110.48 ? 2  G  A C4    1 
ATOM 44  P P     . A  A 1 3  ? -3.375  2.827   16.312  1.00 114.13 ? 3  A  A P     1 
ATOM 45  O OP1   . A  A 1 3  ? -2.466  2.622   17.480  1.00 114.13 ? 3  A  A OP1   1 
ATOM 46  O OP2   . A  A 1 3  ? -2.803  2.915   14.946  1.00 114.13 ? 3  A  A OP2   1 
ATOM 47  O "O5'" . A  A 1 3  ? -4.543  1.734   16.354  1.00 114.13 ? 3  A  A "O5'" 1 
ATOM 48  C "C5'" . A  A 1 3  ? -4.922  1.148   17.610  1.00 113.40 ? 3  A  A "C5'" 1 
ATOM 49  C "C4'" . A  A 1 3  ? -6.337  0.598   17.563  1.00 113.40 ? 3  A  A "C4'" 1 
ATOM 50  O "O4'" . A  A 1 3  ? -7.189  1.530   16.836  1.00 113.40 ? 3  A  A "O4'" 1 
ATOM 51  C "C3'" . A  A 1 3  ? -6.569  -0.722  16.835  1.00 113.40 ? 3  A  A "C3'" 1 
ATOM 52  O "O3'" . A  A 1 3  ? -6.251  -1.870  17.633  1.00 113.40 ? 3  A  A "O3'" 1 
ATOM 53  C "C2'" . A  A 1 3  ? -8.054  -0.655  16.515  1.00 113.40 ? 3  A  A "C2'" 1 
ATOM 54  O "O2'" . A  A 1 3  ? -8.949  -0.963  17.583  1.00 113.40 ? 3  A  A "O2'" 1 
ATOM 55  C "C1'" . A  A 1 3  ? -8.175  0.809   16.099  1.00 113.40 ? 3  A  A "C1'" 1 
ATOM 56  N N9    . A  A 1 3  ? -7.878  0.927   14.672  1.00 124.82 ? 3  A  A N9    1 
ATOM 57  C C8    . A  A 1 3  ? -6.759  1.408   14.021  1.00 124.82 ? 3  A  A C8    1 
ATOM 58  N N7    . A  A 1 3  ? -6.838  1.328   12.713  1.00 124.82 ? 3  A  A N7    1 
ATOM 59  C C5    . A  A 1 3  ? -8.087  0.766   12.489  1.00 124.82 ? 3  A  A C5    1 
ATOM 60  C C6    . A  A 1 3  ? -8.775  0.425   11.310  1.00 124.82 ? 3  A  A C6    1 
ATOM 61  N N6    . A  A 1 3  ? -8.306  0.645   10.084  1.00 124.82 ? 3  A  A N6    1 
ATOM 62  N N1    . A  A 1 3  ? -9.993  -0.141  11.436  1.00 124.82 ? 3  A  A N1    1 
ATOM 63  C C2    . A  A 1 3  ? -10.492 -0.324  12.672  1.00 124.82 ? 3  A  A C2    1 
ATOM 64  N N3    . A  A 1 3  ? -9.952  -0.027  13.851  1.00 124.82 ? 3  A  A N3    1 
ATOM 65  C C4    . A  A 1 3  ? -8.734  0.517   13.687  1.00 124.82 ? 3  A  A C4    1 
ATOM 66  P P     . C  A 1 4  ? -4.931  -2.728  17.303  1.00 129.63 ? 4  C  A P     1 
ATOM 67  O OP1   . C  A 1 4  ? -4.344  -3.086  18.627  1.00 129.63 ? 4  C  A OP1   1 
ATOM 68  O OP2   . C  A 1 4  ? -4.133  -1.936  16.323  1.00 129.63 ? 4  C  A OP2   1 
ATOM 69  O "O5'" . C  A 1 4  ? -5.451  -4.044  16.580  1.00 129.63 ? 4  C  A "O5'" 1 
ATOM 70  C "C5'" . C  A 1 4  ? -6.098  -5.103  17.320  1.00 129.75 ? 4  C  A "C5'" 1 
ATOM 71  C "C4'" . C  A 1 4  ? -7.477  -5.390  16.740  1.00 129.75 ? 4  C  A "C4'" 1 
ATOM 72  O "O4'" . C  A 1 4  ? -8.171  -4.121  16.516  1.00 129.75 ? 4  C  A "O4'" 1 
ATOM 73  C "C3'" . C  A 1 4  ? -7.523  -6.084  15.371  1.00 129.75 ? 4  C  A "C3'" 1 
ATOM 74  O "O3'" . C  A 1 4  ? -7.338  -7.521  15.412  1.00 129.75 ? 4  C  A "O3'" 1 
ATOM 75  C "C2'" . C  A 1 4  ? -8.913  -5.691  14.886  1.00 129.75 ? 4  C  A "C2'" 1 
ATOM 76  O "O2'" . C  A 1 4  ? -9.977  -6.405  15.495  1.00 129.75 ? 4  C  A "O2'" 1 
ATOM 77  C "C1'" . C  A 1 4  ? -8.952  -4.217  15.321  1.00 129.75 ? 4  C  A "C1'" 1 
ATOM 78  N N1    . C  A 1 4  ? -8.305  -3.417  14.274  1.00 119.92 ? 4  C  A N1    1 
ATOM 79  C C2    . C  A 1 4  ? -8.910  -3.349  13.002  1.00 119.92 ? 4  C  A C2    1 
ATOM 80  O O2    . C  A 1 4  ? -10.013 -3.873  12.825  1.00 119.92 ? 4  C  A O2    1 
ATOM 81  N N3    . C  A 1 4  ? -8.264  -2.719  11.994  1.00 119.92 ? 4  C  A N3    1 
ATOM 82  C C4    . C  A 1 4  ? -7.071  -2.165  12.219  1.00 119.92 ? 4  C  A C4    1 
ATOM 83  N N4    . C  A 1 4  ? -6.436  -1.603  11.190  1.00 119.92 ? 4  C  A N4    1 
ATOM 84  C C5    . C  A 1 4  ? -6.459  -2.172  13.515  1.00 119.92 ? 4  C  A C5    1 
ATOM 85  C C6    . C  A 1 4  ? -7.107  -2.801  14.507  1.00 119.92 ? 4  C  A C6    1 
ATOM 86  P P     . A  A 1 5  ? -7.118  -8.359  14.053  1.00 117.27 ? 5  A  A P     1 
ATOM 87  O OP1   . A  A 1 5  ? -7.397  -9.790  14.378  1.00 117.27 ? 5  A  A OP1   1 
ATOM 88  O OP2   . A  A 1 5  ? -5.817  -7.981  13.401  1.00 117.27 ? 5  A  A OP2   1 
ATOM 89  O "O5'" . A  A 1 5  ? -8.326  -7.911  13.123  1.00 117.27 ? 5  A  A "O5'" 1 
ATOM 90  C "C5'" . A  A 1 5  ? -9.640  -8.543  13.242  1.00 153.35 ? 5  A  A "C5'" 1 
ATOM 91  C "C4'" . A  A 1 5  ? -10.317 -8.655  11.888  1.00 153.35 ? 5  A  A "C4'" 1 
ATOM 92  O "O4'" . A  A 1 5  ? -10.665 -7.326  11.384  1.00 153.35 ? 5  A  A "O4'" 1 
ATOM 93  C "C3'" . A  A 1 5  ? -9.403  -9.212  10.807  1.00 153.35 ? 5  A  A "C3'" 1 
ATOM 94  O "O3'" . A  A 1 5  ? -9.341  -10.619 10.753  1.00 153.35 ? 5  A  A "O3'" 1 
ATOM 95  C "C2'" . A  A 1 5  ? -9.976  -8.604  9.545   1.00 153.35 ? 5  A  A "C2'" 1 
ATOM 96  O "O2'" . A  A 1 5  ? -11.154 -9.258  9.079   1.00 153.35 ? 5  A  A "O2'" 1 
ATOM 97  C "C1'" . A  A 1 5  ? -10.203 -7.180  10.044  1.00 153.35 ? 5  A  A "C1'" 1 
ATOM 98  N N9    . A  A 1 5  ? -8.917  -6.481  10.083  1.00 127.56 ? 5  A  A N9    1 
ATOM 99  C C8    . A  A 1 5  ? -8.054  -6.272  11.143  1.00 127.56 ? 5  A  A C8    1 
ATOM 100 N N7    . A  A 1 5  ? -6.978  -5.605  10.817  1.00 127.56 ? 5  A  A N7    1 
ATOM 101 C C5    . A  A 1 5  ? -7.141  -5.355  9.460   1.00 127.56 ? 5  A  A C5    1 
ATOM 102 C C6    . A  A 1 5  ? -6.351  -4.672  8.528   1.00 127.56 ? 5  A  A C6    1 
ATOM 103 N N6    . A  A 1 5  ? -5.194  -4.085  8.848   1.00 127.56 ? 5  A  A N6    1 
ATOM 104 N N1    . A  A 1 5  ? -6.792  -4.606  7.251   1.00 127.56 ? 5  A  A N1    1 
ATOM 105 C C2    . A  A 1 5  ? -7.962  -5.183  6.950   1.00 127.56 ? 5  A  A C2    1 
ATOM 106 N N3    . A  A 1 5  ? -8.802  -5.845  7.741   1.00 127.56 ? 5  A  A N3    1 
ATOM 107 C C4    . A  A 1 5  ? -8.327  -5.894  8.999   1.00 127.56 ? 5  A  A C4    1 
ATOM 108 P P     . G  A 1 6  ? -7.919  -11.302 10.502  1.00 132.37 ? 6  G  A P     1 
ATOM 109 O OP1   . G  A 1 6  ? -7.911  -12.556 11.304  1.00 132.37 ? 6  G  A OP1   1 
ATOM 110 O OP2   . G  A 1 6  ? -6.911  -10.220 10.795  1.00 132.37 ? 6  G  A OP2   1 
ATOM 111 O "O5'" . G  A 1 6  ? -7.939  -11.634 8.935   1.00 132.37 ? 6  G  A "O5'" 1 
ATOM 112 C "C5'" . G  A 1 6  ? -9.135  -12.170 8.302   1.00 113.23 ? 6  G  A "C5'" 1 
ATOM 113 C "C4'" . G  A 1 6  ? -9.346  -11.545 6.947   1.00 113.23 ? 6  G  A "C4'" 1 
ATOM 114 O "O4'" . G  A 1 6  ? -9.428  -10.098 7.100   1.00 113.23 ? 6  G  A "O4'" 1 
ATOM 115 C "C3'" . G  A 1 6  ? -8.202  -11.708 5.962   1.00 113.23 ? 6  G  A "C3'" 1 
ATOM 116 O "O3'" . G  A 1 6  ? -8.186  -12.944 5.286   1.00 113.23 ? 6  G  A "O3'" 1 
ATOM 117 C "C2'" . G  A 1 6  ? -8.469  -10.573 4.998   1.00 113.23 ? 6  G  A "C2'" 1 
ATOM 118 O "O2'" . G  A 1 6  ? -9.556  -10.823 4.126   1.00 113.23 ? 6  G  A "O2'" 1 
ATOM 119 C "C1'" . G  A 1 6  ? -8.782  -9.463  5.995   1.00 113.23 ? 6  G  A "C1'" 1 
ATOM 120 N N9    . G  A 1 6  ? -7.531  -8.844  6.452   1.00 126.52 ? 6  G  A N9    1 
ATOM 121 C C8    . G  A 1 6  ? -6.911  -8.974  7.675   1.00 126.52 ? 6  G  A C8    1 
ATOM 122 N N7    . G  A 1 6  ? -5.800  -8.282  7.761   1.00 126.52 ? 6  G  A N7    1 
ATOM 123 C C5    . G  A 1 6  ? -5.678  -7.661  6.520   1.00 126.52 ? 6  G  A C5    1 
ATOM 124 C C6    . G  A 1 6  ? -4.672  -6.765  6.008   1.00 126.52 ? 6  G  A C6    1 
ATOM 125 O O6    . G  A 1 6  ? -3.647  -6.351  6.568   1.00 126.52 ? 6  G  A O6    1 
ATOM 126 N N1    . G  A 1 6  ? -4.959  -6.354  4.705   1.00 126.52 ? 6  G  A N1    1 
ATOM 127 C C2    . G  A 1 6  ? -6.047  -6.761  3.972   1.00 126.52 ? 6  G  A C2    1 
ATOM 128 N N2    . G  A 1 6  ? -6.163  -6.241  2.731   1.00 126.52 ? 6  G  A N2    1 
ATOM 129 N N3    . G  A 1 6  ? -6.969  -7.606  4.422   1.00 126.52 ? 6  G  A N3    1 
ATOM 130 C C4    . G  A 1 6  ? -6.732  -8.000  5.695   1.00 126.52 ? 6  G  A C4    1 
ATOM 131 P P     . A  A 1 7  ? -6.779  -13.677 5.065   1.00 114.93 ? 7  A  A P     1 
ATOM 132 O OP1   . A  A 1 7  ? -6.910  -15.032 5.669   1.00 114.93 ? 7  A  A OP1   1 
ATOM 133 O OP2   . A  A 1 7  ? -5.749  -12.724 5.595   1.00 114.93 ? 7  A  A OP2   1 
ATOM 134 O "O5'" . A  A 1 7  ? -6.616  -13.825 3.485   1.00 114.93 ? 7  A  A "O5'" 1 
ATOM 135 C "C5'" . A  A 1 7  ? -7.749  -13.688 2.615   1.00 92.60  ? 7  A  A "C5'" 1 
ATOM 136 C "C4'" . A  A 1 7  ? -7.495  -12.596 1.620   1.00 92.60  ? 7  A  A "C4'" 1 
ATOM 137 O "O4'" . A  A 1 7  ? -7.380  -11.312 2.289   1.00 92.60  ? 7  A  A "O4'" 1 
ATOM 138 C "C3'" . A  A 1 7  ? -6.153  -12.719 0.949   1.00 92.60  ? 7  A  A "C3'" 1 
ATOM 139 O "O3'" . A  A 1 7  ? -6.194  -13.630 -0.105  1.00 92.60  ? 7  A  A "O3'" 1 
ATOM 140 C "C2'" . A  A 1 7  ? -5.935  -11.327 0.408   1.00 92.60  ? 7  A  A "C2'" 1 
ATOM 141 O "O2'" . A  A 1 7  ? -6.655  -11.101 -0.788  1.00 92.60  ? 7  A  A "O2'" 1 
ATOM 142 C "C1'" . A  A 1 7  ? -6.469  -10.488 1.572   1.00 92.60  ? 7  A  A "C1'" 1 
ATOM 143 N N9    . A  A 1 7  ? -5.392  -10.076 2.455   1.00 111.55 ? 7  A  A N9    1 
ATOM 144 C C8    . A  A 1 7  ? -5.109  -10.442 3.754   1.00 111.55 ? 7  A  A C8    1 
ATOM 145 N N7    . A  A 1 7  ? -4.072  -9.825  4.265   1.00 111.55 ? 7  A  A N7    1 
ATOM 146 C C5    . A  A 1 7  ? -3.631  -9.005  3.243   1.00 111.55 ? 7  A  A C5    1 
ATOM 147 C C6    . A  A 1 7  ? -2.588  -8.079  3.156   1.00 111.55 ? 7  A  A C6    1 
ATOM 148 N N6    . A  A 1 7  ? -1.758  -7.803  4.169   1.00 111.55 ? 7  A  A N6    1 
ATOM 149 N N1    . A  A 1 7  ? -2.403  -7.436  1.993   1.00 111.55 ? 7  A  A N1    1 
ATOM 150 C C2    . A  A 1 7  ? -3.238  -7.703  0.986   1.00 111.55 ? 7  A  A C2    1 
ATOM 151 N N3    . A  A 1 7  ? -4.268  -8.542  0.940   1.00 111.55 ? 7  A  A N3    1 
ATOM 152 C C4    . A  A 1 7  ? -4.418  -9.164  2.122   1.00 111.55 ? 7  A  A C4    1 
ATOM 153 P P     . U  A 1 8  ? -4.832  -14.338 -0.537  1.00 136.77 ? 8  U  A P     1 
ATOM 154 O OP1   . U  A 1 8  ? -5.101  -15.447 -1.493  1.00 136.77 ? 8  U  A OP1   1 
ATOM 155 O OP2   . U  A 1 8  ? -4.136  -14.624 0.761   1.00 136.77 ? 8  U  A OP2   1 
ATOM 156 O "O5'" . U  A 1 8  ? -4.021  -13.199 -1.310  1.00 136.77 ? 8  U  A "O5'" 1 
ATOM 157 C "C5'" . U  A 1 8  ? -4.465  -12.691 -2.590  1.00 109.93 ? 8  U  A "C5'" 1 
ATOM 158 C "C4'" . U  A 1 8  ? -3.416  -11.772 -3.173  1.00 109.93 ? 8  U  A "C4'" 1 
ATOM 159 O "O4'" . U  A 1 8  ? -3.382  -10.515 -2.441  1.00 109.93 ? 8  U  A "O4'" 1 
ATOM 160 C "C3'" . U  A 1 8  ? -2.007  -12.296 -3.023  1.00 109.93 ? 8  U  A "C3'" 1 
ATOM 161 O "O3'" . U  A 1 8  ? -1.679  -13.123 -4.078  1.00 109.93 ? 8  U  A "O3'" 1 
ATOM 162 C "C2'" . U  A 1 8  ? -1.172  -11.042 -3.103  1.00 109.93 ? 8  U  A "C2'" 1 
ATOM 163 O "O2'" . U  A 1 8  ? -1.045  -10.593 -4.434  1.00 109.93 ? 8  U  A "O2'" 1 
ATOM 164 C "C1'" . U  A 1 8  ? -2.028  -10.098 -2.267  1.00 109.93 ? 8  U  A "C1'" 1 
ATOM 165 N N1    . U  A 1 8  ? -1.698  -10.227 -0.844  1.00 122.29 ? 8  U  A N1    1 
ATOM 166 C C2    . U  A 1 8  ? -0.575  -9.579  -0.378  1.00 122.29 ? 8  U  A C2    1 
ATOM 167 O O2    . U  A 1 8  ? 0.205   -8.988  -1.103  1.00 122.29 ? 8  U  A O2    1 
ATOM 168 N N3    . U  A 1 8  ? -0.383  -9.674  0.973   1.00 122.29 ? 8  U  A N3    1 
ATOM 169 C C4    . U  A 1 8  ? -1.151  -10.384 1.871   1.00 122.29 ? 8  U  A C4    1 
ATOM 170 O O4    . U  A 1 8  ? -0.872  -10.349 3.066   1.00 122.29 ? 8  U  A O4    1 
ATOM 171 C C5    . U  A 1 8  ? -2.262  -11.071 1.298   1.00 122.29 ? 8  U  A C5    1 
ATOM 172 C C6    . U  A 1 8  ? -2.497  -10.963 -0.003  1.00 122.29 ? 8  U  A C6    1 
ATOM 173 P P     . G  A 1 9  ? -0.711  -14.340 -3.795  1.00 117.43 ? 9  G  A P     1 
ATOM 174 O OP1   . G  A 1 9  ? -0.958  -15.310 -4.885  1.00 117.43 ? 9  G  A OP1   1 
ATOM 175 O OP2   . G  A 1 9  ? -0.944  -14.733 -2.375  1.00 117.43 ? 9  G  A OP2   1 
ATOM 176 O "O5'" . G  A 1 9  ? 0.750   -13.739 -3.967  1.00 117.43 ? 9  G  A "O5'" 1 
ATOM 177 C "C5'" . G  A 1 9  ? 1.102   -13.026 -5.152  1.00 107.04 ? 9  G  A "C5'" 1 
ATOM 178 C "C4'" . G  A 1 9  ? 2.123   -11.988 -4.815  1.00 107.04 ? 9  G  A "C4'" 1 
ATOM 179 O "O4'" . G  A 1 9  ? 1.586   -11.153 -3.760  1.00 107.04 ? 9  G  A "O4'" 1 
ATOM 180 C "C3'" . G  A 1 9  ? 3.376   -12.552 -4.182  1.00 107.04 ? 9  G  A "C3'" 1 
ATOM 181 O "O3'" . G  A 1 9  ? 4.277   -13.004 -5.161  1.00 107.04 ? 9  G  A "O3'" 1 
ATOM 182 C "C2'" . G  A 1 9  ? 3.929   -11.353 -3.431  1.00 107.04 ? 9  G  A "C2'" 1 
ATOM 183 O "O2'" . G  A 1 9  ? 4.657   -10.443 -4.241  1.00 107.04 ? 9  G  A "O2'" 1 
ATOM 184 C "C1'" . G  A 1 9  ? 2.635   -10.749 -2.894  1.00 107.04 ? 9  G  A "C1'" 1 
ATOM 185 N N9    . G  A 1 9  ? 2.365   -11.273 -1.561  1.00 90.25  ? 9  G  A N9    1 
ATOM 186 C C8    . G  A 1 9  ? 1.346   -12.102 -1.158  1.00 90.25  ? 9  G  A C8    1 
ATOM 187 N N7    . G  A 1 9  ? 1.395   -12.378 0.118   1.00 90.25  ? 9  G  A N7    1 
ATOM 188 C C5    . G  A 1 9  ? 2.511   -11.691 0.572   1.00 90.25  ? 9  G  A C5    1 
ATOM 189 C C6    . G  A 1 9  ? 3.066   -11.597 1.865   1.00 90.25  ? 9  G  A C6    1 
ATOM 190 O O6    . G  A 1 9  ? 2.671   -12.126 2.909   1.00 90.25  ? 9  G  A O6    1 
ATOM 191 N N1    . G  A 1 9  ? 4.200   -10.789 1.880   1.00 90.25  ? 9  G  A N1    1 
ATOM 192 C C2    . G  A 1 9  ? 4.742   -10.174 0.780   1.00 90.25  ? 9  G  A C2    1 
ATOM 193 N N2    . G  A 1 9  ? 5.864   -9.473  0.969   1.00 90.25  ? 9  G  A N2    1 
ATOM 194 N N3    . G  A 1 9  ? 4.227   -10.249 -0.429  1.00 90.25  ? 9  G  A N3    1 
ATOM 195 C C4    . G  A 1 9  ? 3.119   -11.013 -0.457  1.00 90.25  ? 9  G  A C4    1 
ATOM 196 P P     . G  A 1 10 ? 5.307   -14.163 -4.777  1.00 123.85 ? 10 G  A P     1 
ATOM 197 O OP1   . G  A 1 10 ? 6.014   -14.512 -6.036  1.00 123.85 ? 10 G  A OP1   1 
ATOM 198 O OP2   . G  A 1 10 ? 4.553   -15.209 -4.025  1.00 123.85 ? 10 G  A OP2   1 
ATOM 199 O "O5'" . G  A 1 10 ? 6.360   -13.439 -3.831  1.00 123.85 ? 10 G  A "O5'" 1 
ATOM 200 C "C5'" . G  A 1 10 ? 7.417   -12.664 -4.411  1.00 103.70 ? 10 G  A "C5'" 1 
ATOM 201 C "C4'" . G  A 1 10 ? 8.375   -12.227 -3.344  1.00 103.70 ? 10 G  A "C4'" 1 
ATOM 202 O "O4'" . G  A 1 10 ? 7.668   -11.389 -2.390  1.00 103.70 ? 10 G  A "O4'" 1 
ATOM 203 C "C3'" . G  A 1 10 ? 8.918   -13.348 -2.477  1.00 103.70 ? 10 G  A "C3'" 1 
ATOM 204 O "O3'" . G  A 1 10 ? 10.007  -14.004 -3.095  1.00 103.70 ? 10 G  A "O3'" 1 
ATOM 205 C "C2'" . G  A 1 10 ? 9.352   -12.584 -1.238  1.00 103.70 ? 10 G  A "C2'" 1 
ATOM 206 O "O2'" . G  A 1 10 ? 10.546  -11.847 -1.406  1.00 103.70 ? 10 G  A "O2'" 1 
ATOM 207 C "C1'" . G  A 1 10 ? 8.172   -11.633 -1.086  1.00 103.70 ? 10 G  A "C1'" 1 
ATOM 208 N N9    . G  A 1 10 ? 7.146   -12.288 -0.299  1.00 87.76  ? 10 G  A N9    1 
ATOM 209 C C8    . G  A 1 10 ? 5.966   -12.860 -0.714  1.00 87.76  ? 10 G  A C8    1 
ATOM 210 N N7    . G  A 1 10 ? 5.277   -13.376 0.264   1.00 87.76  ? 10 G  A N7    1 
ATOM 211 C C5    . G  A 1 10 ? 6.054   -13.129 1.384   1.00 87.76  ? 10 G  A C5    1 
ATOM 212 C C6    . G  A 1 10 ? 5.830   -13.446 2.737   1.00 87.76  ? 10 G  A C6    1 
ATOM 213 O O6    . G  A 1 10 ? 4.870   -14.043 3.237   1.00 87.76  ? 10 G  A O6    1 
ATOM 214 N N1    . G  A 1 10 ? 6.871   -12.989 3.547   1.00 87.76  ? 10 G  A N1    1 
ATOM 215 C C2    . G  A 1 10 ? 7.989   -12.325 3.097   1.00 87.76  ? 10 G  A C2    1 
ATOM 216 N N2    . G  A 1 10 ? 8.888   -11.947 4.020   1.00 87.76  ? 10 G  A N2    1 
ATOM 217 N N3    . G  A 1 10 ? 8.209   -12.040 1.832   1.00 87.76  ? 10 G  A N3    1 
ATOM 218 C C4    . G  A 1 10 ? 7.203   -12.462 1.043   1.00 87.76  ? 10 G  A C4    1 
ATOM 219 P P     . G  A 1 11 ? 10.378  -15.497 -2.639  1.00 115.12 ? 11 G  A P     1 
ATOM 220 O OP1   . G  A 1 11 ? 11.501  -15.918 -3.525  1.00 115.12 ? 11 G  A OP1   1 
ATOM 221 O OP2   . G  A 1 11 ? 9.147   -16.339 -2.539  1.00 115.12 ? 11 G  A OP2   1 
ATOM 222 O "O5'" . G  A 1 11 ? 10.961  -15.320 -1.173  1.00 115.12 ? 11 G  A "O5'" 1 
ATOM 223 C "C5'" . G  A 1 11 ? 12.231  -14.693 -0.990  1.00 121.34 ? 11 G  A "C5'" 1 
ATOM 224 C "C4'" . G  A 1 11 ? 12.501  -14.502 0.468   1.00 121.34 ? 11 G  A "C4'" 1 
ATOM 225 O "O4'" . G  A 1 11 ? 11.352  -13.836 1.067   1.00 121.34 ? 11 G  A "O4'" 1 
ATOM 226 C "C3'" . G  A 1 11 ? 12.572  -15.775 1.285   1.00 121.34 ? 11 G  A "C3'" 1 
ATOM 227 O "O3'" . G  A 1 11 ? 13.804  -16.465 1.184   1.00 121.34 ? 11 G  A "O3'" 1 
ATOM 228 C "C2'" . G  A 1 11 ? 12.383  -15.217 2.679   1.00 121.34 ? 11 G  A "C2'" 1 
ATOM 229 O "O2'" . G  A 1 11 ? 13.540  -14.523 3.107   1.00 121.34 ? 11 G  A "O2'" 1 
ATOM 230 C "C1'" . G  A 1 11 ? 11.229  -14.249 2.424   1.00 121.34 ? 11 G  A "C1'" 1 
ATOM 231 N N9    . G  A 1 11 ? 9.952   -14.930 2.599   1.00 95.05  ? 11 G  A N9    1 
ATOM 232 C C8    . G  A 1 11 ? 9.037   -15.286 1.635   1.00 95.05  ? 11 G  A C8    1 
ATOM 233 N N7    . G  A 1 11 ? 7.987   -15.891 2.127   1.00 95.05  ? 11 G  A N7    1 
ATOM 234 C C5    . G  A 1 11 ? 8.229   -15.936 3.496   1.00 95.05  ? 11 G  A C5    1 
ATOM 235 C C6    . G  A 1 11 ? 7.446   -16.466 4.558   1.00 95.05  ? 11 G  A C6    1 
ATOM 236 O O6    . G  A 1 11 ? 6.348   -17.011 4.499   1.00 95.05  ? 11 G  A O6    1 
ATOM 237 N N1    . G  A 1 11 ? 8.068   -16.307 5.789   1.00 95.05  ? 11 G  A N1    1 
ATOM 238 C C2    . G  A 1 11 ? 9.290   -15.719 5.978   1.00 95.05  ? 11 G  A C2    1 
ATOM 239 N N2    . G  A 1 11 ? 9.735   -15.683 7.238   1.00 95.05  ? 11 G  A N2    1 
ATOM 240 N N3    . G  A 1 11 ? 10.026  -15.207 5.003   1.00 95.05  ? 11 G  A N3    1 
ATOM 241 C C4    . G  A 1 11 ? 9.437   -15.351 3.799   1.00 95.05  ? 11 G  A C4    1 
ATOM 242 P P     . A  A 1 12 ? 13.892  -17.976 1.721   1.00 107.80 ? 12 A  A P     1 
ATOM 243 O OP1   . A  A 1 12 ? 15.233  -18.492 1.370   1.00 107.80 ? 12 A  A OP1   1 
ATOM 244 O OP2   . A  A 1 12 ? 12.675  -18.728 1.320   1.00 107.80 ? 12 A  A OP2   1 
ATOM 245 O "O5'" . A  A 1 12 ? 13.832  -17.844 3.296   1.00 107.80 ? 12 A  A "O5'" 1 
ATOM 246 C "C5'" . A  A 1 12 ? 15.021  -17.801 4.061   1.00 131.39 ? 12 A  A "C5'" 1 
ATOM 247 C "C4'" . A  A 1 12 ? 14.673  -18.050 5.488   1.00 131.39 ? 12 A  A "C4'" 1 
ATOM 248 O "O4'" . A  A 1 12 ? 13.467  -17.265 5.756   1.00 131.39 ? 12 A  A "O4'" 1 
ATOM 249 C "C3'" . A  A 1 12 ? 14.213  -19.462 5.800   1.00 131.39 ? 12 A  A "C3'" 1 
ATOM 250 O "O3'" . A  A 1 12 ? 15.286  -20.375 6.001   1.00 131.39 ? 12 A  A "O3'" 1 
ATOM 251 C "C2'" . A  A 1 12 ? 13.379  -19.225 7.049   1.00 131.39 ? 12 A  A "C2'" 1 
ATOM 252 O "O2'" . A  A 1 12 ? 14.126  -18.955 8.230   1.00 131.39 ? 12 A  A "O2'" 1 
ATOM 253 C "C1'" . A  A 1 12 ? 12.585  -18.005 6.595   1.00 131.39 ? 12 A  A "C1'" 1 
ATOM 254 N N9    . A  A 1 12 ? 11.448  -18.459 5.799   1.00 94.34  ? 12 A  A N9    1 
ATOM 255 C C8    . A  A 1 12 ? 11.268  -18.519 4.441   1.00 94.34  ? 12 A  A C8    1 
ATOM 256 N N7    . A  A 1 12 ? 10.111  -19.024 4.090   1.00 94.34  ? 12 A  A N7    1 
ATOM 257 C C5    . A  A 1 12 ? 9.495   -19.302 5.299   1.00 94.34  ? 12 A  A C5    1 
ATOM 258 C C6    . A  A 1 12 ? 8.252   -19.842 5.624   1.00 94.34  ? 12 A  A C6    1 
ATOM 259 N N6    . A  A 1 12 ? 7.348   -20.213 4.727   1.00 94.34  ? 12 A  A N6    1 
ATOM 260 N N1    . A  A 1 12 ? 7.955   -19.991 6.928   1.00 94.34  ? 12 A  A N1    1 
ATOM 261 C C2    . A  A 1 12 ? 8.851   -19.616 7.837   1.00 94.34  ? 12 A  A C2    1 
ATOM 262 N N3    . A  A 1 12 ? 10.046  -19.091 7.660   1.00 94.34  ? 12 A  A N3    1 
ATOM 263 C C4    . A  A 1 12 ? 10.307  -18.960 6.357   1.00 94.34  ? 12 A  A C4    1 
ATOM 264 P P     . G  A 1 13 ? 15.089  -21.922 5.596   1.00 128.59 ? 13 G  A P     1 
ATOM 265 O OP1   . G  A 1 13 ? 16.456  -22.523 5.508   1.00 128.59 ? 13 G  A OP1   1 
ATOM 266 O OP2   . G  A 1 13 ? 14.183  -21.972 4.403   1.00 128.59 ? 13 G  A OP2   1 
ATOM 267 O "O5'" . G  A 1 13 ? 14.321  -22.579 6.837   1.00 128.59 ? 13 G  A "O5'" 1 
ATOM 268 C "C5'" . G  A 1 13 ? 14.828  -22.463 8.201   1.00 160.36 ? 13 G  A "C5'" 1 
ATOM 269 C "C4'" . G  A 1 13 ? 13.737  -22.806 9.214   1.00 160.36 ? 13 G  A "C4'" 1 
ATOM 270 O "O4'" . G  A 1 13 ? 12.527  -22.119 8.799   1.00 160.36 ? 13 G  A "O4'" 1 
ATOM 271 C "C3'" . G  A 1 13 ? 13.289  -24.268 9.335   1.00 160.36 ? 13 G  A "C3'" 1 
ATOM 272 O "O3'" . G  A 1 13 ? 14.154  -25.223 10.009  1.00 160.36 ? 13 G  A "O3'" 1 
ATOM 273 C "C2'" . G  A 1 13 ? 11.866  -24.147 9.879   1.00 160.36 ? 13 G  A "C2'" 1 
ATOM 274 O "O2'" . G  A 1 13 ? 11.829  -23.884 11.282  1.00 160.36 ? 13 G  A "O2'" 1 
ATOM 275 C "C1'" . G  A 1 13 ? 11.382  -22.904 9.121   1.00 160.36 ? 13 G  A "C1'" 1 
ATOM 276 N N9    . G  A 1 13 ? 10.582  -23.073 7.899   1.00 100.81 ? 13 G  A N9    1 
ATOM 277 C C8    . G  A 1 13 ? 10.988  -22.878 6.594   1.00 100.81 ? 13 G  A C8    1 
ATOM 278 N N7    . G  A 1 13 ? 10.015  -23.006 5.731   1.00 100.81 ? 13 G  A N7    1 
ATOM 279 C C5    . G  A 1 13 ? 8.913   -23.329 6.507   1.00 100.81 ? 13 G  A C5    1 
ATOM 280 C C6    . G  A 1 13 ? 7.572   -23.582 6.134   1.00 100.81 ? 13 G  A C6    1 
ATOM 281 O O6    . G  A 1 13 ? 7.084   -23.582 5.000   1.00 100.81 ? 13 G  A O6    1 
ATOM 282 N N1    . G  A 1 13 ? 6.769   -23.860 7.237   1.00 100.81 ? 13 G  A N1    1 
ATOM 283 C C2    . G  A 1 13 ? 7.205   -23.906 8.535   1.00 100.81 ? 13 G  A C2    1 
ATOM 284 N N2    . G  A 1 13 ? 6.283   -24.184 9.474   1.00 100.81 ? 13 G  A N2    1 
ATOM 285 N N3    . G  A 1 13 ? 8.458   -23.689 8.898   1.00 100.81 ? 13 G  A N3    1 
ATOM 286 C C4    . G  A 1 13 ? 9.246   -23.399 7.844   1.00 100.81 ? 13 G  A C4    1 
ATOM 287 O "O5'" . DG B 2 1  ? -18.916 -4.895  -19.774 1.00 117.96 ? 14 DG B "O5'" 1 
ATOM 288 C "C5'" . DG B 2 1  ? -19.576 -5.791  -20.678 1.00 139.14 ? 14 DG B "C5'" 1 
ATOM 289 C "C4'" . DG B 2 1  ? -20.226 -5.126  -21.872 1.00 139.14 ? 14 DG B "C4'" 1 
ATOM 290 O "O4'" . DG B 2 1  ? -21.154 -4.081  -21.467 1.00 139.14 ? 14 DG B "O4'" 1 
ATOM 291 C "C3'" . DG B 2 1  ? -19.274 -4.455  -22.863 1.00 139.14 ? 14 DG B "C3'" 1 
ATOM 292 O "O3'" . DG B 2 1  ? -18.713 -5.426  -23.770 1.00 139.14 ? 14 DG B "O3'" 1 
ATOM 293 C "C2'" . DG B 2 1  ? -20.199 -3.472  -23.566 1.00 139.14 ? 14 DG B "C2'" 1 
ATOM 294 C "C1'" . DG B 2 1  ? -21.150 -3.032  -22.440 1.00 139.14 ? 14 DG B "C1'" 1 
ATOM 295 N N9    . DG B 2 1  ? -20.688 -1.816  -21.779 1.00 91.88  ? 14 DG B N9    1 
ATOM 296 C C8    . DG B 2 1  ? -20.422 -1.636  -20.442 1.00 91.88  ? 14 DG B C8    1 
ATOM 297 N N7    . DG B 2 1  ? -19.965 -0.445  -20.169 1.00 91.88  ? 14 DG B N7    1 
ATOM 298 C C5    . DG B 2 1  ? -19.941 0.201   -21.396 1.00 91.88  ? 14 DG B C5    1 
ATOM 299 C C6    . DG B 2 1  ? -19.534 1.504   -21.727 1.00 91.88  ? 14 DG B C6    1 
ATOM 300 O O6    . DG B 2 1  ? -19.069 2.367   -20.981 1.00 91.88  ? 14 DG B O6    1 
ATOM 301 N N1    . DG B 2 1  ? -19.695 1.764   -23.086 1.00 91.88  ? 14 DG B N1    1 
ATOM 302 C C2    . DG B 2 1  ? -20.169 0.863   -24.005 1.00 91.88  ? 14 DG B C2    1 
ATOM 303 N N2    . DG B 2 1  ? -20.255 1.282   -25.270 1.00 91.88  ? 14 DG B N2    1 
ATOM 304 N N3    . DG B 2 1  ? -20.535 -0.366  -23.708 1.00 91.88  ? 14 DG B N3    1 
ATOM 305 C C4    . DG B 2 1  ? -20.400 -0.627  -22.395 1.00 91.88  ? 14 DG B C4    1 
ATOM 306 P P     . DC B 2 2  ? -17.114 -5.614  -23.861 1.00 106.01 ? 15 DC B P     1 
ATOM 307 O OP1   . DC B 2 2  ? -16.892 -7.028  -24.235 1.00 106.01 ? 15 DC B OP1   1 
ATOM 308 O OP2   . DC B 2 2  ? -16.491 -5.097  -22.626 1.00 106.01 ? 15 DC B OP2   1 
ATOM 309 O "O5'" . DC B 2 2  ? -16.674 -4.660  -25.060 1.00 106.01 ? 15 DC B "O5'" 1 
ATOM 310 C "C5'" . DC B 2 2  ? -17.203 -4.858  -26.382 1.00 120.45 ? 15 DC B "C5'" 1 
ATOM 311 C "C4'" . DC B 2 2  ? -17.245 -3.550  -27.136 1.00 120.45 ? 15 DC B "C4'" 1 
ATOM 312 O "O4'" . DC B 2 2  ? -18.063 -2.607  -26.401 1.00 120.45 ? 15 DC B "O4'" 1 
ATOM 313 C "C3'" . DC B 2 2  ? -15.905 -2.844  -27.291 1.00 120.45 ? 15 DC B "C3'" 1 
ATOM 314 O "O3'" . DC B 2 2  ? -15.227 -3.299  -28.462 1.00 120.45 ? 15 DC B "O3'" 1 
ATOM 315 C "C2'" . DC B 2 2  ? -16.319 -1.395  -27.469 1.00 120.45 ? 15 DC B "C2'" 1 
ATOM 316 C "C1'" . DC B 2 2  ? -17.551 -1.283  -26.582 1.00 120.45 ? 15 DC B "C1'" 1 
ATOM 317 N N1    . DC B 2 2  ? -17.251 -0.719  -25.258 1.00 100.51 ? 15 DC B N1    1 
ATOM 318 C C2    . DC B 2 2  ? -16.841 0.608   -25.177 1.00 100.51 ? 15 DC B C2    1 
ATOM 319 O O2    . DC B 2 2  ? -16.673 1.236   -26.218 1.00 100.51 ? 15 DC B O2    1 
ATOM 320 N N3    . DC B 2 2  ? -16.618 1.162   -23.969 1.00 100.51 ? 15 DC B N3    1 
ATOM 321 C C4    . DC B 2 2  ? -16.758 0.426   -22.866 1.00 100.51 ? 15 DC B C4    1 
ATOM 322 N N4    . DC B 2 2  ? -16.545 1.009   -21.680 1.00 100.51 ? 15 DC B N4    1 
ATOM 323 C C5    . DC B 2 2  ? -17.132 -0.946  -22.924 1.00 100.51 ? 15 DC B C5    1 
ATOM 324 C C6    . DC B 2 2  ? -17.377 -1.471  -24.127 1.00 100.51 ? 15 DC B C6    1 
ATOM 325 P P     . DT B 2 3  ? -13.712 -2.822  -28.733 1.00 126.66 ? 16 DT B P     1 
ATOM 326 O OP1   . DT B 2 3  ? -13.290 -3.306  -30.089 1.00 126.66 ? 16 DT B OP1   1 
ATOM 327 O OP2   . DT B 2 3  ? -12.898 -3.176  -27.527 1.00 126.66 ? 16 DT B OP2   1 
ATOM 328 O "O5'" . DT B 2 3  ? -13.797 -1.233  -28.798 1.00 126.66 ? 16 DT B "O5'" 1 
ATOM 329 C "C5'" . DT B 2 3  ? -13.962 -0.559  -30.053 1.00 119.42 ? 16 DT B "C5'" 1 
ATOM 330 C "C4'" . DT B 2 3  ? -13.445 0.855   -29.952 1.00 119.42 ? 16 DT B "C4'" 1 
ATOM 331 O "O4'" . DT B 2 3  ? -14.193 1.567   -28.949 1.00 119.42 ? 16 DT B "O4'" 1 
ATOM 332 C "C3'" . DT B 2 3  ? -12.011 0.979   -29.465 1.00 119.42 ? 16 DT B "C3'" 1 
ATOM 333 O "O3'" . DT B 2 3  ? -11.103 0.777   -30.539 1.00 119.42 ? 16 DT B "O3'" 1 
ATOM 334 C "C2'" . DT B 2 3  ? -11.976 2.418   -29.002 1.00 119.42 ? 16 DT B "C2'" 1 
ATOM 335 C "C1'" . DT B 2 3  ? -13.336 2.539   -28.337 1.00 119.42 ? 16 DT B "C1'" 1 
ATOM 336 N N1    . DT B 2 3  ? -13.262 2.233   -26.908 1.00 115.52 ? 16 DT B N1    1 
ATOM 337 C C2    . DT B 2 3  ? -12.969 3.266   -26.046 1.00 115.52 ? 16 DT B C2    1 
ATOM 338 O O2    . DT B 2 3  ? -12.759 4.407   -26.418 1.00 115.52 ? 16 DT B O2    1 
ATOM 339 N N3    . DT B 2 3  ? -12.929 2.914   -24.730 1.00 115.52 ? 16 DT B N3    1 
ATOM 340 C C4    . DT B 2 3  ? -13.112 1.657   -24.203 1.00 115.52 ? 16 DT B C4    1 
ATOM 341 O O4    . DT B 2 3  ? -13.021 1.494   -22.991 1.00 115.52 ? 16 DT B O4    1 
ATOM 342 C C5    . DT B 2 3  ? -13.400 0.610   -25.171 1.00 115.52 ? 16 DT B C5    1 
ATOM 343 C C7    . DT B 2 3  ? -13.596 -0.796  -24.701 1.00 115.52 ? 16 DT B C7    1 
ATOM 344 C C6    . DT B 2 3  ? -13.462 0.952   -26.456 1.00 115.52 ? 16 DT B C6    1 
ATOM 345 P P     . DC B 2 4  ? -9.789  -0.121  -30.305 1.00 153.43 ? 17 DC B P     1 
ATOM 346 O OP1   . DC B 2 4  ? -9.570  -0.868  -31.581 1.00 153.43 ? 17 DC B OP1   1 
ATOM 347 O OP2   . DC B 2 4  ? -9.972  -0.888  -29.026 1.00 153.43 ? 17 DC B OP2   1 
ATOM 348 O "O5'" . DC B 2 4  ? -8.601  0.929   -30.069 1.00 153.43 ? 17 DC B "O5'" 1 
ATOM 349 C "C5'" . DC B 2 4  ? -8.544  2.189   -30.786 1.00 134.50 ? 17 DC B "C5'" 1 
ATOM 350 C "C4'" . DC B 2 4  ? -8.298  3.337   -29.827 1.00 134.50 ? 17 DC B "C4'" 1 
ATOM 351 O "O4'" . DC B 2 4  ? -9.358  3.457   -28.847 1.00 134.50 ? 17 DC B "O4'" 1 
ATOM 352 C "C3'" . DC B 2 4  ? -7.062  3.248   -28.943 1.00 134.50 ? 17 DC B "C3'" 1 
ATOM 353 O "O3'" . DC B 2 4  ? -5.843  3.524   -29.631 1.00 134.50 ? 17 DC B "O3'" 1 
ATOM 354 C "C2'" . DC B 2 4  ? -7.339  4.348   -27.934 1.00 134.50 ? 17 DC B "C2'" 1 
ATOM 355 C "C1'" . DC B 2 4  ? -8.848  4.220   -27.730 1.00 134.50 ? 17 DC B "C1'" 1 
ATOM 356 N N1    . DC B 2 4  ? -9.172  3.504   -26.479 1.00 123.39 ? 17 DC B N1    1 
ATOM 357 C C2    . DC B 2 4  ? -9.021  4.177   -25.241 1.00 123.39 ? 17 DC B C2    1 
ATOM 358 O O2    . DC B 2 4  ? -8.588  5.342   -25.230 1.00 123.39 ? 17 DC B O2    1 
ATOM 359 N N3    . DC B 2 4  ? -9.340  3.527   -24.096 1.00 123.39 ? 17 DC B N3    1 
ATOM 360 C C4    . DC B 2 4  ? -9.769  2.263   -24.148 1.00 123.39 ? 17 DC B C4    1 
ATOM 361 N N4    . DC B 2 4  ? -10.057 1.660   -22.997 1.00 123.39 ? 17 DC B N4    1 
ATOM 362 C C5    . DC B 2 4  ? -9.917  1.559   -25.383 1.00 123.39 ? 17 DC B C5    1 
ATOM 363 C C6    . DC B 2 4  ? -9.612  2.211   -26.510 1.00 123.39 ? 17 DC B C6    1 
ATOM 364 P P     . DC B 2 5  ? -4.444  3.221   -28.890 1.00 129.56 ? 18 DC B P     1 
ATOM 365 O OP1   . DC B 2 5  ? -3.374  3.525   -29.879 1.00 129.56 ? 18 DC B OP1   1 
ATOM 366 O OP2   . DC B 2 5  ? -4.533  1.846   -28.293 1.00 129.56 ? 18 DC B OP2   1 
ATOM 367 O "O5'" . DC B 2 5  ? -4.385  4.286   -27.686 1.00 129.56 ? 18 DC B "O5'" 1 
ATOM 368 C "C5'" . DC B 2 5  ? -4.050  5.678   -27.933 1.00 156.59 ? 18 DC B "C5'" 1 
ATOM 369 C "C4'" . DC B 2 5  ? -3.695  6.392   -26.643 1.00 156.59 ? 18 DC B "C4'" 1 
ATOM 370 O "O4'" . DC B 2 5  ? -4.856  6.520   -25.785 1.00 156.59 ? 18 DC B "O4'" 1 
ATOM 371 C "C3'" . DC B 2 5  ? -2.647  5.723   -25.757 1.00 156.59 ? 18 DC B "C3'" 1 
ATOM 372 O "O3'" . DC B 2 5  ? -1.307  6.015   -26.180 1.00 156.59 ? 18 DC B "O3'" 1 
ATOM 373 C "C2'" . DC B 2 5  ? -2.936  6.355   -24.408 1.00 156.59 ? 18 DC B "C2'" 1 
ATOM 374 C "C1'" . DC B 2 5  ? -4.462  6.327   -24.413 1.00 156.59 ? 18 DC B "C1'" 1 
ATOM 375 N N1    . DC B 2 5  ? -5.019  5.032   -23.951 1.00 117.57 ? 18 DC B N1    1 
ATOM 376 C C2    . DC B 2 5  ? -5.155  4.788   -22.560 1.00 117.57 ? 18 DC B C2    1 
ATOM 377 O O2    . DC B 2 5  ? -4.766  5.648   -21.753 1.00 117.57 ? 18 DC B O2    1 
ATOM 378 N N3    . DC B 2 5  ? -5.698  3.614   -22.148 1.00 117.57 ? 18 DC B N3    1 
ATOM 379 C C4    . DC B 2 5  ? -6.075  2.695   -23.050 1.00 117.57 ? 18 DC B C4    1 
ATOM 380 N N4    . DC B 2 5  ? -6.603  1.545   -22.606 1.00 117.57 ? 18 DC B N4    1 
ATOM 381 C C5    . DC B 2 5  ? -5.924  2.913   -24.459 1.00 117.57 ? 18 DC B C5    1 
ATOM 382 C C6    . DC B 2 5  ? -5.400  4.078   -24.858 1.00 117.57 ? 18 DC B C6    1 
ATOM 383 P P     . DC B 2 6  ? -0.132  4.938   -25.903 1.00 116.94 ? 19 DC B P     1 
ATOM 384 O OP1   . DC B 2 6  ? 1.084   5.455   -26.597 1.00 116.94 ? 19 DC B OP1   1 
ATOM 385 O OP2   . DC B 2 6  ? -0.665  3.579   -26.258 1.00 116.94 ? 19 DC B OP2   1 
ATOM 386 O "O5'" . DC B 2 6  ? 0.096   4.980   -24.318 1.00 116.94 ? 19 DC B "O5'" 1 
ATOM 387 C "C5'" . DC B 2 6  ? 0.447   6.212   -23.651 1.00 107.04 ? 19 DC B "C5'" 1 
ATOM 388 C "C4'" . DC B 2 6  ? 0.438   6.032   -22.148 1.00 107.04 ? 19 DC B "C4'" 1 
ATOM 389 O "O4'" . DC B 2 6  ? -0.858  5.533   -21.754 1.00 107.04 ? 19 DC B "O4'" 1 
ATOM 390 C "C3'" . DC B 2 6  ? 1.467   5.059   -21.564 1.00 107.04 ? 19 DC B "C3'" 1 
ATOM 391 O "O3'" . DC B 2 6  ? 2.621   5.801   -21.126 1.00 107.04 ? 19 DC B "O3'" 1 
ATOM 392 C "C2'" . DC B 2 6  ? 0.744   4.442   -20.374 1.00 107.04 ? 19 DC B "C2'" 1 
ATOM 393 C "C1'" . DC B 2 6  ? -0.751  4.731   -20.589 1.00 107.04 ? 19 DC B "C1'" 1 
ATOM 394 N N1    . DC B 2 6  ? -1.567  3.526   -20.811 1.00 104.16 ? 19 DC B N1    1 
ATOM 395 C C2    . DC B 2 6  ? -2.193  2.880   -19.716 1.00 104.16 ? 19 DC B C2    1 
ATOM 396 O O2    . DC B 2 6  ? -2.048  3.345   -18.566 1.00 104.16 ? 19 DC B O2    1 
ATOM 397 N N3    . DC B 2 6  ? -2.935  1.770   -19.951 1.00 104.16 ? 19 DC B N3    1 
ATOM 398 C C4    . DC B 2 6  ? -3.059  1.296   -21.201 1.00 104.16 ? 19 DC B C4    1 
ATOM 399 N N4    . DC B 2 6  ? -3.792  0.192   -21.401 1.00 104.16 ? 19 DC B N4    1 
ATOM 400 C C5    . DC B 2 6  ? -2.432  1.937   -22.314 1.00 104.16 ? 19 DC B C5    1 
ATOM 401 C C6    . DC B 2 6  ? -1.710  3.031   -22.077 1.00 104.16 ? 19 DC B C6    1 
ATOM 402 P P     . DA B 2 7  ? 3.915   5.036   -20.551 1.00 91.40  ? 20 DA B P     1 
ATOM 403 O OP1   . DA B 2 7  ? 4.843   6.080   -20.066 1.00 91.40  ? 20 DA B OP1   1 
ATOM 404 O OP2   . DA B 2 7  ? 4.391   4.040   -21.527 1.00 91.40  ? 20 DA B OP2   1 
ATOM 405 O "O5'" . DA B 2 7  ? 3.397   4.244   -19.283 1.00 91.40  ? 20 DA B "O5'" 1 
ATOM 406 C "C5'" . DA B 2 7  ? 3.389   4.866   -18.011 1.00 85.11  ? 20 DA B "C5'" 1 
ATOM 407 C "C4'" . DA B 2 7  ? 2.982   3.856   -16.973 1.00 85.11  ? 20 DA B "C4'" 1 
ATOM 408 O "O4'" . DA B 2 7  ? 1.898   3.120   -17.568 1.00 85.11  ? 20 DA B "O4'" 1 
ATOM 409 C "C3'" . DA B 2 7  ? 4.060   2.821   -16.676 1.00 85.11  ? 20 DA B "C3'" 1 
ATOM 410 O "O3'" . DA B 2 7  ? 4.646   3.122   -15.411 1.00 85.11  ? 20 DA B "O3'" 1 
ATOM 411 C "C2'" . DA B 2 7  ? 3.321   1.492   -16.639 1.00 85.11  ? 20 DA B "C2'" 1 
ATOM 412 C "C1'" . DA B 2 7  ? 1.887   1.819   -17.036 1.00 85.11  ? 20 DA B "C1'" 1 
ATOM 413 N N9    . DA B 2 7  ? 1.282   0.941   -18.035 1.00 98.74  ? 20 DA B N9    1 
ATOM 414 C C8    . DA B 2 7  ? 1.366   1.001   -19.399 1.00 98.74  ? 20 DA B C8    1 
ATOM 415 N N7    . DA B 2 7  ? 0.631   0.103   -20.012 1.00 98.74  ? 20 DA B N7    1 
ATOM 416 C C5    . DA B 2 7  ? 0.041   -0.601  -18.977 1.00 98.74  ? 20 DA B C5    1 
ATOM 417 C C6    . DA B 2 7  ? -0.863  -1.666  -18.961 1.00 98.74  ? 20 DA B C6    1 
ATOM 418 N N6    . DA B 2 7  ? -1.357  -2.227  -20.056 1.00 98.74  ? 20 DA B N6    1 
ATOM 419 N N1    . DA B 2 7  ? -1.253  -2.142  -17.762 1.00 98.74  ? 20 DA B N1    1 
ATOM 420 C C2    . DA B 2 7  ? -0.759  -1.577  -16.662 1.00 98.74  ? 20 DA B C2    1 
ATOM 421 N N3    . DA B 2 7  ? 0.092   -0.567  -16.548 1.00 98.74  ? 20 DA B N3    1 
ATOM 422 C C4    . DA B 2 7  ? 0.452   -0.115  -17.757 1.00 98.74  ? 20 DA B C4    1 
ATOM 423 P P     . DG B 2 8  ? 6.168   2.723   -15.127 1.00 83.43  ? 21 DG B P     1 
ATOM 424 O OP1   . DG B 2 8  ? 6.663   3.545   -13.997 1.00 83.43  ? 21 DG B OP1   1 
ATOM 425 O OP2   . DG B 2 8  ? 6.895   2.749   -16.413 1.00 83.43  ? 21 DG B OP2   1 
ATOM 426 O "O5'" . DG B 2 8  ? 6.052   1.228   -14.607 1.00 83.43  ? 21 DG B "O5'" 1 
ATOM 427 C "C5'" . DG B 2 8  ? 5.523   0.950   -13.305 1.00 74.45  ? 21 DG B "C5'" 1 
ATOM 428 C "C4'" . DG B 2 8  ? 5.332   -0.537  -13.127 1.00 74.45  ? 21 DG B "C4'" 1 
ATOM 429 O "O4'" . DG B 2 8  ? 4.312   -0.991  -14.040 1.00 74.45  ? 21 DG B "O4'" 1 
ATOM 430 C "C3'" . DG B 2 8  ? 6.569   -1.374  -13.449 1.00 74.45  ? 21 DG B "C3'" 1 
ATOM 431 O "O3'" . DG B 2 8  ? 6.669   -2.448  -12.527 1.00 74.45  ? 21 DG B "O3'" 1 
ATOM 432 C "C2'" . DG B 2 8  ? 6.267   -1.940  -14.818 1.00 74.45  ? 21 DG B "C2'" 1 
ATOM 433 C "C1'" . DG B 2 8  ? 4.791   -2.160  -14.663 1.00 74.45  ? 21 DG B "C1'" 1 
ATOM 434 N N9    . DG B 2 8  ? 4.065   -2.340  -15.903 1.00 93.04  ? 21 DG B N9    1 
ATOM 435 C C8    . DG B 2 8  ? 4.258   -1.736  -17.122 1.00 93.04  ? 21 DG B C8    1 
ATOM 436 N N7    . DG B 2 8  ? 3.446   -2.174  -18.043 1.00 93.04  ? 21 DG B N7    1 
ATOM 437 C C5    . DG B 2 8  ? 2.673   -3.112  -17.378 1.00 93.04  ? 21 DG B C5    1 
ATOM 438 C C6    . DG B 2 8  ? 1.625   -3.923  -17.838 1.00 93.04  ? 21 DG B C6    1 
ATOM 439 O O6    . DG B 2 8  ? 1.163   -4.008  -18.967 1.00 93.04  ? 21 DG B O6    1 
ATOM 440 N N1    . DG B 2 8  ? 1.103   -4.707  -16.815 1.00 93.04  ? 21 DG B N1    1 
ATOM 441 C C2    . DG B 2 8  ? 1.544   -4.698  -15.516 1.00 93.04  ? 21 DG B C2    1 
ATOM 442 N N2    . DG B 2 8  ? 0.909   -5.491  -14.644 1.00 93.04  ? 21 DG B N2    1 
ATOM 443 N N3    . DG B 2 8  ? 2.534   -3.960  -15.090 1.00 93.04  ? 21 DG B N3    1 
ATOM 444 C C4    . DG B 2 8  ? 3.043   -3.198  -16.063 1.00 93.04  ? 21 DG B C4    1 
ATOM 445 P P     . DG B 2 9  ? 7.948   -2.546  -11.574 1.00 81.38  ? 22 DG B P     1 
ATOM 446 O OP1   . DG B 2 9  ? 7.851   -3.798  -10.800 1.00 81.38  ? 22 DG B OP1   1 
ATOM 447 O OP2   . DG B 2 9  ? 8.045   -1.251  -10.864 1.00 81.38  ? 22 DG B OP2   1 
ATOM 448 O "O5'" . DG B 2 9  ? 9.202   -2.637  -12.562 1.00 81.38  ? 22 DG B "O5'" 1 
ATOM 449 C "C5'" . DG B 2 9  ? 9.760   -3.909  -12.952 1.00 79.32  ? 22 DG B "C5'" 1 
ATOM 450 C "C4'" . DG B 2 9  ? 11.275  -3.841  -12.938 1.00 79.32  ? 22 DG B "C4'" 1 
ATOM 451 O "O4'" . DG B 2 9  ? 11.743  -2.946  -13.968 1.00 79.32  ? 22 DG B "O4'" 1 
ATOM 452 C "C3'" . DG B 2 9  ? 11.871  -3.304  -11.650 1.00 79.32  ? 22 DG B "C3'" 1 
ATOM 453 O "O3'" . DG B 2 9  ? 12.096  -4.379  -10.751 1.00 79.32  ? 22 DG B "O3'" 1 
ATOM 454 C "C2'" . DG B 2 9  ? 13.197  -2.734  -12.106 1.00 79.32  ? 22 DG B "C2'" 1 
ATOM 455 C "C1'" . DG B 2 9  ? 12.900  -2.250  -13.515 1.00 79.32  ? 22 DG B "C1'" 1 
ATOM 456 N N9    . DG B 2 9  ? 12.619  -0.826  -13.606 1.00 72.68  ? 22 DG B N9    1 
ATOM 457 C C8    . DG B 2 9  ? 11.403  -0.249  -13.841 1.00 72.68  ? 22 DG B C8    1 
ATOM 458 N N7    . DG B 2 9  ? 11.461  1.050   -13.934 1.00 72.68  ? 22 DG B N7    1 
ATOM 459 C C5    . DG B 2 9  ? 12.794  1.347   -13.736 1.00 72.68  ? 22 DG B C5    1 
ATOM 460 C C6    . DG B 2 9  ? 13.460  2.600   -13.744 1.00 72.68  ? 22 DG B C6    1 
ATOM 461 O O6    . DG B 2 9  ? 12.984  3.715   -13.923 1.00 72.68  ? 22 DG B O6    1 
ATOM 462 N N1    . DG B 2 9  ? 14.813  2.468   -13.511 1.00 72.68  ? 22 DG B N1    1 
ATOM 463 C C2    . DG B 2 9  ? 15.446  1.284   -13.285 1.00 72.68  ? 22 DG B C2    1 
ATOM 464 N N2    . DG B 2 9  ? 16.762  1.374   -13.086 1.00 72.68  ? 22 DG B N2    1 
ATOM 465 N N3    . DG B 2 9  ? 14.839  0.098   -13.263 1.00 72.68  ? 22 DG B N3    1 
ATOM 466 C C4    . DG B 2 9  ? 13.521  0.208   -13.504 1.00 72.68  ? 22 DG B C4    1 
ATOM 467 P P     . DC B 2 10 ? 12.002  -4.124  -9.182  1.00 85.52  ? 23 DC B P     1 
ATOM 468 O OP1   . DC B 2 10 ? 12.255  -5.413  -8.529  1.00 85.52  ? 23 DC B OP1   1 
ATOM 469 O OP2   . DC B 2 10 ? 10.728  -3.436  -8.936  1.00 85.52  ? 23 DC B OP2   1 
ATOM 470 O "O5'" . DC B 2 10 ? 13.244  -3.181  -8.860  1.00 85.52  ? 23 DC B "O5'" 1 
ATOM 471 C "C5'" . DC B 2 10 ? 14.569  -3.710  -8.951  1.00 73.81  ? 23 DC B "C5'" 1 
ATOM 472 C "C4'" . DC B 2 10 ? 15.590  -2.604  -8.867  1.00 73.81  ? 23 DC B "C4'" 1 
ATOM 473 O "O4'" . DC B 2 10 ? 15.327  -1.638  -9.894  1.00 73.81  ? 23 DC B "O4'" 1 
ATOM 474 C "C3'" . DC B 2 10 ? 15.541  -1.796  -7.589  1.00 73.81  ? 23 DC B "C3'" 1 
ATOM 475 O "O3'" . DC B 2 10 ? 16.366  -2.394  -6.619  1.00 73.81  ? 23 DC B "O3'" 1 
ATOM 476 C "C2'" . DC B 2 10 ? 16.143  -0.465  -7.995  1.00 73.81  ? 23 DC B "C2'" 1 
ATOM 477 C "C1'" . DC B 2 10 ? 15.831  -0.377  -9.482  1.00 73.81  ? 23 DC B "C1'" 1 
ATOM 478 N N1    . DC B 2 10 ? 14.820  0.627   -9.805  1.00 71.91  ? 23 DC B N1    1 
ATOM 479 C C2    . DC B 2 10 ? 15.175  1.960   -9.736  1.00 71.91  ? 23 DC B C2    1 
ATOM 480 O O2    . DC B 2 10 ? 16.314  2.247   -9.345  1.00 71.91  ? 23 DC B O2    1 
ATOM 481 N N3    . DC B 2 10 ? 14.277  2.903   -10.085 1.00 71.91  ? 23 DC B N3    1 
ATOM 482 C C4    . DC B 2 10 ? 13.050  2.544   -10.458 1.00 71.91  ? 23 DC B C4    1 
ATOM 483 N N4    . DC B 2 10 ? 12.199  3.505   -10.788 1.00 71.91  ? 23 DC B N4    1 
ATOM 484 C C5    . DC B 2 10 ? 12.645  1.180   -10.508 1.00 71.91  ? 23 DC B C5    1 
ATOM 485 C C6    . DC B 2 10 ? 13.554  0.264   -10.174 1.00 71.91  ? 23 DC B C6    1 
ATOM 486 P P     . DT B 2 11 ? 16.122  -2.055  -5.098  1.00 77.76  ? 24 DT B P     1 
ATOM 487 O OP1   . DT B 2 11 ? 16.734  -3.140  -4.333  1.00 77.76  ? 24 DT B OP1   1 
ATOM 488 O OP2   . DT B 2 11 ? 14.697  -1.762  -4.936  1.00 77.76  ? 24 DT B OP2   1 
ATOM 489 O "O5'" . DT B 2 11 ? 16.993  -0.754  -4.883  1.00 77.76  ? 24 DT B "O5'" 1 
ATOM 490 C "C5'" . DT B 2 11 ? 18.340  -0.758  -5.297  1.00 74.12  ? 24 DT B "C5'" 1 
ATOM 491 C "C4'" . DT B 2 11 ? 18.907  0.625   -5.163  1.00 74.12  ? 24 DT B "C4'" 1 
ATOM 492 O "O4'" . DT B 2 11 ? 18.071  1.489   -5.958  1.00 74.12  ? 24 DT B "O4'" 1 
ATOM 493 C "C3'" . DT B 2 11 ? 18.825  1.170   -3.740  1.00 74.12  ? 24 DT B "C3'" 1 
ATOM 494 O "O3'" . DT B 2 11 ? 19.926  2.049   -3.498  1.00 74.12  ? 24 DT B "O3'" 1 
ATOM 495 C "C2'" . DT B 2 11 ? 17.529  1.947   -3.758  1.00 74.12  ? 24 DT B "C2'" 1 
ATOM 496 C "C1'" . DT B 2 11 ? 17.628  2.543   -5.137  1.00 74.12  ? 24 DT B "C1'" 1 
ATOM 497 N N1    . DT B 2 11 ? 16.361  2.990   -5.655  1.00 81.64  ? 24 DT B N1    1 
ATOM 498 C C2    . DT B 2 11 ? 16.237  4.287   -6.067  1.00 81.64  ? 24 DT B C2    1 
ATOM 499 O O2    . DT B 2 11 ? 17.136  5.103   -5.978  1.00 81.64  ? 24 DT B O2    1 
ATOM 500 N N3    . DT B 2 11 ? 15.021  4.599   -6.584  1.00 81.64  ? 24 DT B N3    1 
ATOM 501 C C4    . DT B 2 11 ? 13.947  3.764   -6.712  1.00 81.64  ? 24 DT B C4    1 
ATOM 502 O O4    . DT B 2 11 ? 12.933  4.178   -7.228  1.00 81.64  ? 24 DT B O4    1 
ATOM 503 C C5    . DT B 2 11 ? 14.141  2.421   -6.214  1.00 81.64  ? 24 DT B C5    1 
ATOM 504 C C7    . DT B 2 11 ? 13.010  1.446   -6.257  1.00 81.64  ? 24 DT B C7    1 
ATOM 505 C C6    . DT B 2 11 ? 15.327  2.107   -5.727  1.00 81.64  ? 24 DT B C6    1 
ATOM 506 P P     . DA B 2 12 ? 20.005  2.869   -2.119  1.00 92.51  ? 25 DA B P     1 
ATOM 507 O OP1   . DA B 2 12 ? 21.454  3.082   -1.831  1.00 92.51  ? 25 DA B OP1   1 
ATOM 508 O OP2   . DA B 2 12 ? 19.143  2.209   -1.108  1.00 92.51  ? 25 DA B OP2   1 
ATOM 509 O "O5'" . DA B 2 12 ? 19.339  4.265   -2.478  1.00 92.51  ? 25 DA B "O5'" 1 
ATOM 510 C "C5'" . DA B 2 12 ? 19.972  5.124   -3.436  1.00 103.05 ? 25 DA B "C5'" 1 
ATOM 511 C "C4'" . DA B 2 12 ? 19.705  6.573   -3.110  1.00 103.05 ? 25 DA B "C4'" 1 
ATOM 512 O "O4'" . DA B 2 12 ? 18.437  7.008   -3.645  1.00 103.05 ? 25 DA B "O4'" 1 
ATOM 513 C "C3'" . DA B 2 12 ? 19.674  6.891   -1.623  1.00 103.05 ? 25 DA B "C3'" 1 
ATOM 514 O "O3'" . DA B 2 12 ? 20.248  8.175   -1.409  1.00 103.05 ? 25 DA B "O3'" 1 
ATOM 515 C "C2'" . DA B 2 12 ? 18.194  6.892   -1.297  1.00 103.05 ? 25 DA B "C2'" 1 
ATOM 516 C "C1'" . DA B 2 12 ? 17.546  7.343   -2.597  1.00 103.05 ? 25 DA B "C1'" 1 
ATOM 517 N N9    . DA B 2 12 ? 16.293  6.654   -2.869  1.00 84.06  ? 25 DA B N9    1 
ATOM 518 C C8    . DA B 2 12 ? 15.955  5.367   -2.555  1.00 84.06  ? 25 DA B C8    1 
ATOM 519 N N7    . DA B 2 12 ? 14.750  5.033   -2.937  1.00 84.06  ? 25 DA B N7    1 
ATOM 520 C C5    . DA B 2 12 ? 14.272  6.180   -3.542  1.00 84.06  ? 25 DA B C5    1 
ATOM 521 C C6    . DA B 2 12 ? 13.064  6.470   -4.142  1.00 84.06  ? 25 DA B C6    1 
ATOM 522 N N6    . DA B 2 12 ? 12.074  5.608   -4.210  1.00 84.06  ? 25 DA B N6    1 
ATOM 523 N N1    . DA B 2 12 ? 12.895  7.697   -4.669  1.00 84.06  ? 25 DA B N1    1 
ATOM 524 C C2    . DA B 2 12 ? 13.891  8.570   -4.564  1.00 84.06  ? 25 DA B C2    1 
ATOM 525 N N3    . DA B 2 12 ? 15.080  8.419   -4.001  1.00 84.06  ? 25 DA B N3    1 
ATOM 526 C C4    . DA B 2 12 ? 15.208  7.182   -3.508  1.00 84.06  ? 25 DA B C4    1 
ATOM 527 P P     . DG B 2 13 ? 20.089  8.888   0.015   1.00 107.09 ? 26 DG B P     1 
ATOM 528 O OP1   . DG B 2 13 ? 21.188  9.887   0.135   1.00 107.09 ? 26 DG B OP1   1 
ATOM 529 O OP2   . DG B 2 13 ? 19.942  7.825   1.038   1.00 107.09 ? 26 DG B OP2   1 
ATOM 530 O "O5'" . DG B 2 13 ? 18.711  9.677   -0.115  1.00 107.09 ? 26 DG B "O5'" 1 
ATOM 531 C "C5'" . DG B 2 13 ? 18.554  10.702  -1.114  1.00 113.84 ? 26 DG B "C5'" 1 
ATOM 532 C "C4'" . DG B 2 13 ? 17.237  11.419  -0.937  1.00 113.84 ? 26 DG B "C4'" 1 
ATOM 533 O "O4'" . DG B 2 13 ? 16.151  10.559  -1.356  1.00 113.84 ? 26 DG B "O4'" 1 
ATOM 534 C "C3'" . DG B 2 13 ? 16.925  11.823  0.508   1.00 113.84 ? 26 DG B "C3'" 1 
ATOM 535 O "O3'" . DG B 2 13 ? 16.393  13.152  0.549   1.00 113.84 ? 26 DG B "O3'" 1 
ATOM 536 C "C2'" . DG B 2 13 ? 15.846  10.841  0.922   1.00 113.84 ? 26 DG B "C2'" 1 
ATOM 537 C "C1'" . DG B 2 13 ? 15.127  10.647  -0.396  1.00 113.84 ? 26 DG B "C1'" 1 
ATOM 538 N N9    . DG B 2 13 ? 14.370  9.411   -0.443  1.00 70.73  ? 26 DG B N9    1 
ATOM 539 C C8    . DG B 2 13 ? 14.724  8.212   0.110   1.00 70.73  ? 26 DG B C8    1 
ATOM 540 N N7    . DG B 2 13 ? 13.826  7.289   -0.059  1.00 70.73  ? 26 DG B N7    1 
ATOM 541 C C5    . DG B 2 13 ? 12.828  7.918   -0.780  1.00 70.73  ? 26 DG B C5    1 
ATOM 542 C C6    . DG B 2 13 ? 11.611  7.421   -1.246  1.00 70.73  ? 26 DG B C6    1 
ATOM 543 O O6    . DG B 2 13 ? 11.148  6.290   -1.099  1.00 70.73  ? 26 DG B O6    1 
ATOM 544 N N1    . DG B 2 13 ? 10.899  8.384   -1.946  1.00 70.73  ? 26 DG B N1    1 
ATOM 545 C C2    . DG B 2 13 ? 11.325  9.667   -2.161  1.00 70.73  ? 26 DG B C2    1 
ATOM 546 N N2    . DG B 2 13 ? 10.520  10.445  -2.898  1.00 70.73  ? 26 DG B N2    1 
ATOM 547 N N3    . DG B 2 13 ? 12.463  10.150  -1.702  1.00 70.73  ? 26 DG B N3    1 
ATOM 548 C C4    . DG B 2 13 ? 13.161  9.226   -1.030  1.00 70.73  ? 26 DG B C4    1 
ATOM 549 P P     . DC B 2 14 ? 15.997  13.810  1.966   1.00 103.95 ? 27 DC B P     1 
ATOM 550 O OP1   . DC B 2 14 ? 16.623  15.160  1.891   1.00 103.95 ? 27 DC B OP1   1 
ATOM 551 O OP2   . DC B 2 14 ? 16.328  12.889  3.096   1.00 103.95 ? 27 DC B OP2   1 
ATOM 552 O "O5'" . DC B 2 14 ? 14.414  13.987  1.914   1.00 103.95 ? 27 DC B "O5'" 1 
ATOM 553 C "C5'" . DC B 2 14 ? 13.848  15.023  1.107   1.00 91.87  ? 27 DC B "C5'" 1 
ATOM 554 C "C4'" . DC B 2 14 ? 12.348  14.875  1.039   1.00 91.87  ? 27 DC B "C4'" 1 
ATOM 555 O "O4'" . DC B 2 14 ? 12.036  13.613  0.434   1.00 91.87  ? 27 DC B "O4'" 1 
ATOM 556 C "C3'" . DC B 2 14 ? 11.608  14.874  2.372   1.00 91.87  ? 27 DC B "C3'" 1 
ATOM 557 O "O3'" . DC B 2 14 ? 11.249  16.223  2.697   1.00 91.87  ? 27 DC B "O3'" 1 
ATOM 558 C "C2'" . DC B 2 14 ? 10.368  14.047  2.075   1.00 91.87  ? 27 DC B "C2'" 1 
ATOM 559 C "C1'" . DC B 2 14 ? 10.762  13.179  0.873   1.00 91.87  ? 27 DC B "C1'" 1 
ATOM 560 N N1    . DC B 2 14 ? 10.894  11.757  1.170   1.00 82.30  ? 27 DC B N1    1 
ATOM 561 C C2    . DC B 2 14 ? 9.843   10.890  0.883   1.00 82.30  ? 27 DC B C2    1 
ATOM 562 O O2    . DC B 2 14 ? 8.816   11.341  0.400   1.00 82.30  ? 27 DC B O2    1 
ATOM 563 N N3    . DC B 2 14 ? 9.981   9.579   1.131   1.00 82.30  ? 27 DC B N3    1 
ATOM 564 C C4    . DC B 2 14 ? 11.115  9.127   1.650   1.00 82.30  ? 27 DC B C4    1 
ATOM 565 N N4    . DC B 2 14 ? 11.216  7.824   1.885   1.00 82.30  ? 27 DC B N4    1 
ATOM 566 C C5    . DC B 2 14 ? 12.204  9.990   1.957   1.00 82.30  ? 27 DC B C5    1 
ATOM 567 C C6    . DC B 2 14 ? 12.048  11.287  1.715   1.00 82.30  ? 27 DC B C6    1 
ATOM 568 P P     . DT B 2 15 ? 10.567  16.551  4.106   1.00 79.33  ? 28 DT B P     1 
ATOM 569 O OP1   . DT B 2 15 ? 10.593  18.014  4.267   1.00 79.33  ? 28 DT B OP1   1 
ATOM 570 O OP2   . DT B 2 15 ? 11.154  15.693  5.146   1.00 79.33  ? 28 DT B OP2   1 
ATOM 571 O "O5'" . DT B 2 15 ? 9.060   16.131  3.895   1.00 79.33  ? 28 DT B "O5'" 1 
ATOM 572 C "C5'" . DT B 2 15 ? 8.298   16.750  2.874   1.00 68.07  ? 28 DT B "C5'" 1 
ATOM 573 C "C4'" . DT B 2 15 ? 6.924   16.141  2.834   1.00 68.07  ? 28 DT B "C4'" 1 
ATOM 574 O "O4'" . DT B 2 15 ? 7.077   14.721  2.639   1.00 68.07  ? 28 DT B "O4'" 1 
ATOM 575 C "C3'" . DT B 2 15 ? 6.146   16.296  4.137   1.00 68.07  ? 28 DT B "C3'" 1 
ATOM 576 O "O3'" . DT B 2 15 ? 4.780   16.498  3.803   1.00 68.07  ? 28 DT B "O3'" 1 
ATOM 577 C "C2'" . DT B 2 15 ? 6.349   14.959  4.827   1.00 68.07  ? 28 DT B "C2'" 1 
ATOM 578 C "C1'" . DT B 2 15 ? 6.354   14.032  3.636   1.00 68.07  ? 28 DT B "C1'" 1 
ATOM 579 N N1    . DT B 2 15 ? 6.994   12.718  3.824   1.00 74.90  ? 28 DT B N1    1 
ATOM 580 C C2    . DT B 2 15 ? 6.211   11.603  3.666   1.00 74.90  ? 28 DT B C2    1 
ATOM 581 O O2    . DT B 2 15 ? 5.023   11.659  3.420   1.00 74.90  ? 28 DT B O2    1 
ATOM 582 N N3    . DT B 2 15 ? 6.867   10.419  3.807   1.00 74.90  ? 28 DT B N3    1 
ATOM 583 C C4    . DT B 2 15 ? 8.193   10.235  4.081   1.00 74.90  ? 28 DT B C4    1 
ATOM 584 O O4    . DT B 2 15 ? 8.639   9.100   4.155   1.00 74.90  ? 28 DT B O4    1 
ATOM 585 C C5    . DT B 2 15 ? 8.961   11.445  4.255   1.00 74.90  ? 28 DT B C5    1 
ATOM 586 C C7    . DT B 2 15 ? 10.419  11.337  4.566   1.00 74.90  ? 28 DT B C7    1 
ATOM 587 C C6    . DT B 2 15 ? 8.329   12.615  4.125   1.00 74.90  ? 28 DT B C6    1 
ATOM 588 P P     . DA B 2 16 ? 3.960   17.628  4.554   1.00 75.34  ? 29 DA B P     1 
ATOM 589 O OP1   . DA B 2 16 ? 2.918   18.061  3.619   1.00 75.34  ? 29 DA B OP1   1 
ATOM 590 O OP2   . DA B 2 16 ? 4.941   18.610  5.050   1.00 75.34  ? 29 DA B OP2   1 
ATOM 591 O "O5'" . DA B 2 16 ? 3.282   16.843  5.750   1.00 75.34  ? 29 DA B "O5'" 1 
ATOM 592 C "C5'" . DA B 2 16 ? 2.310   15.841  5.471   1.00 73.51  ? 29 DA B "C5'" 1 
ATOM 593 C "C4'" . DA B 2 16 ? 1.952   15.110  6.737   1.00 73.51  ? 29 DA B "C4'" 1 
ATOM 594 O "O4'" . DA B 2 16 ? 3.142   14.487  7.244   1.00 73.51  ? 29 DA B "O4'" 1 
ATOM 595 C "C3'" . DA B 2 16 ? 1.449   16.017  7.854   1.00 73.51  ? 29 DA B "C3'" 1 
ATOM 596 O "O3'" . DA B 2 16 ? 0.558   15.294  8.672   1.00 73.51  ? 29 DA B "O3'" 1 
ATOM 597 C "C2'" . DA B 2 16 ? 2.668   16.280  8.689   1.00 73.51  ? 29 DA B "C2'" 1 
ATOM 598 C "C1'" . DA B 2 16 ? 3.534   15.070  8.475   1.00 73.51  ? 29 DA B "C1'" 1 
ATOM 599 N N9    . DA B 2 16 ? 4.884   15.556  8.313   1.00 87.14  ? 29 DA B N9    1 
ATOM 600 C C8    . DA B 2 16 ? 5.296   16.855  8.224   1.00 87.14  ? 29 DA B C8    1 
ATOM 601 N N7    . DA B 2 16 ? 6.584   16.987  8.063   1.00 87.14  ? 29 DA B N7    1 
ATOM 602 C C5    . DA B 2 16 ? 7.040   15.684  8.043   1.00 87.14  ? 29 DA B C5    1 
ATOM 603 C C6    . DA B 2 16 ? 8.302   15.157  7.890   1.00 87.14  ? 29 DA B C6    1 
ATOM 604 N N6    . DA B 2 16 ? 9.384   15.909  7.741   1.00 87.14  ? 29 DA B N6    1 
ATOM 605 N N1    . DA B 2 16 ? 8.431   13.816  7.902   1.00 87.14  ? 29 DA B N1    1 
ATOM 606 C C2    . DA B 2 16 ? 7.327   13.072  8.070   1.00 87.14  ? 29 DA B C2    1 
ATOM 607 N N3    . DA B 2 16 ? 6.074   13.465  8.230   1.00 87.14  ? 29 DA B N3    1 
ATOM 608 C C4    . DA B 2 16 ? 6.004   14.797  8.202   1.00 87.14  ? 29 DA B C4    1 
ATOM 609 P P     . DC B 2 17 ? -0.841  14.868  8.067   1.00 111.94 ? 30 DC B P     1 
ATOM 610 O OP1   . DC B 2 17 ? -0.953  13.399  8.181   1.00 111.94 ? 30 DC B OP1   1 
ATOM 611 O OP2   . DC B 2 17 ? -0.921  15.509  6.733   1.00 111.94 ? 30 DC B OP2   1 
ATOM 612 O "O5'" . DC B 2 17 ? -1.945  15.534  9.000   1.00 111.94 ? 30 DC B "O5'" 1 
ATOM 613 C "C5'" . DC B 2 17 ? -1.616  16.513  9.962   1.00 69.43  ? 30 DC B "C5'" 1 
ATOM 614 C "C4'" . DC B 2 17 ? -2.231  16.114  11.274  1.00 69.43  ? 30 DC B "C4'" 1 
ATOM 615 O "O4'" . DC B 2 17 ? -3.630  15.874  11.017  1.00 69.43  ? 30 DC B "O4'" 1 
ATOM 616 C "C3'" . DC B 2 17 ? -1.683  14.807  11.847  1.00 69.43  ? 30 DC B "C3'" 1 
ATOM 617 O "O3'" . DC B 2 17 ? -1.550  14.987  13.236  1.00 69.43  ? 30 DC B "O3'" 1 
ATOM 618 C "C2'" . DC B 2 17 ? -2.788  13.798  11.624  1.00 69.43  ? 30 DC B "C2'" 1 
ATOM 619 C "C1'" . DC B 2 17 ? -4.029  14.660  11.614  1.00 69.43  ? 30 DC B "C1'" 1 
ATOM 620 N N1    . DC B 2 17 ? -5.048  14.058  10.755  1.00 105.50 ? 30 DC B N1    1 
ATOM 621 C C2    . DC B 2 17 ? -6.274  13.665  11.299  1.00 105.50 ? 30 DC B C2    1 
ATOM 622 O O2    . DC B 2 17 ? -6.501  13.889  12.491  1.00 105.50 ? 30 DC B O2    1 
ATOM 623 N N3    . DC B 2 17 ? -7.180  13.044  10.507  1.00 105.50 ? 30 DC B N3    1 
ATOM 624 C C4    . DC B 2 17 ? -6.892  12.819  9.225   1.00 105.50 ? 30 DC B C4    1 
ATOM 625 N N4    . DC B 2 17 ? -7.785  12.162  8.480   1.00 105.50 ? 30 DC B N4    1 
ATOM 626 C C5    . DC B 2 17 ? -5.666  13.243  8.644   1.00 105.50 ? 30 DC B C5    1 
ATOM 627 C C6    . DC B 2 17 ? -4.786  13.856  9.435   1.00 105.50 ? 30 DC B C6    1 
ATOM 628 P P     . DA B 2 18 ? -0.429  14.180  14.038  1.00 81.54  ? 31 DA B P     1 
ATOM 629 O OP1   . DA B 2 18 ? -0.940  12.807  14.300  1.00 81.54  ? 31 DA B OP1   1 
ATOM 630 O OP2   . DA B 2 18 ? -0.004  15.030  15.163  1.00 81.54  ? 31 DA B OP2   1 
ATOM 631 O "O5'" . DA B 2 18 ? 0.809   14.106  13.041  1.00 81.54  ? 31 DA B "O5'" 1 
ATOM 632 C "C5'" . DA B 2 18 ? 0.838   13.129  11.990  1.00 57.74  ? 31 DA B "C5'" 1 
ATOM 633 C "C4'" . DA B 2 18 ? 2.171   12.422  11.966  1.00 57.74  ? 31 DA B "C4'" 1 
ATOM 634 O "O4'" . DA B 2 18 ? 3.175   13.242  11.360  1.00 57.74  ? 31 DA B "O4'" 1 
ATOM 635 C "C3'" . DA B 2 18 ? 2.708   12.022  13.327  1.00 57.74  ? 31 DA B "C3'" 1 
ATOM 636 O "O3'" . DA B 2 18 ? 2.887   10.632  13.322  1.00 57.74  ? 31 DA B "O3'" 1 
ATOM 637 C "C2'" . DA B 2 18 ? 4.036   12.748  13.467  1.00 57.74  ? 31 DA B "C2'" 1 
ATOM 638 C "C1'" . DA B 2 18 ? 4.393   13.134  12.050  1.00 57.74  ? 31 DA B "C1'" 1 
ATOM 639 N N9    . DA B 2 18 ? 5.054   14.423  11.913  1.00 81.19  ? 31 DA B N9    1 
ATOM 640 C C8    . DA B 2 18 ? 4.411   15.602  11.702  1.00 81.19  ? 31 DA B C8    1 
ATOM 641 N N7    . DA B 2 18 ? 5.213   16.623  11.545  1.00 81.19  ? 31 DA B N7    1 
ATOM 642 C C5    . DA B 2 18 ? 6.469   16.081  11.676  1.00 81.19  ? 31 DA B C5    1 
ATOM 643 C C6    . DA B 2 18 ? 7.736   16.648  11.593  1.00 81.19  ? 31 DA B C6    1 
ATOM 644 N N6    . DA B 2 18 ? 7.955   17.944  11.338  1.00 81.19  ? 31 DA B N6    1 
ATOM 645 N N1    . DA B 2 18 ? 8.793   15.838  11.767  1.00 81.19  ? 31 DA B N1    1 
ATOM 646 C C2    . DA B 2 18 ? 8.567   14.538  12.006  1.00 81.19  ? 31 DA B C2    1 
ATOM 647 N N3    . DA B 2 18 ? 7.413   13.885  12.101  1.00 81.19  ? 31 DA B N3    1 
ATOM 648 C C4    . DA B 2 18 ? 6.388   14.725  11.923  1.00 81.19  ? 31 DA B C4    1 
ATOM 649 P P     . DA B 2 19 ? 3.134   9.899   14.693  1.00 63.97  ? 32 DA B P     1 
ATOM 650 O OP1   . DA B 2 19 ? 2.854   8.486   14.528  1.00 63.97  ? 32 DA B OP1   1 
ATOM 651 O OP2   . DA B 2 19 ? 2.391   10.649  15.678  1.00 63.97  ? 32 DA B OP2   1 
ATOM 652 O "O5'" . DA B 2 19 ? 4.682   10.140  14.929  1.00 63.97  ? 32 DA B "O5'" 1 
ATOM 653 C "C5'" . DA B 2 19 ? 5.615   9.578   14.022  1.00 71.22  ? 32 DA B "C5'" 1 
ATOM 654 C "C4'" . DA B 2 19 ? 7.029   9.941   14.405  1.00 71.22  ? 32 DA B "C4'" 1 
ATOM 655 O "O4'" . DA B 2 19 ? 7.249   11.350  14.196  1.00 71.22  ? 32 DA B "O4'" 1 
ATOM 656 C "C3'" . DA B 2 19 ? 7.441   9.682   15.860  1.00 71.22  ? 32 DA B "C3'" 1 
ATOM 657 O "O3'" . DA B 2 19 ? 8.813   9.275   15.890  1.00 71.22  ? 32 DA B "O3'" 1 
ATOM 658 C "C2'" . DA B 2 19 ? 7.411   11.078  16.451  1.00 71.22  ? 32 DA B "C2'" 1 
ATOM 659 C "C1'" . DA B 2 19 ? 8.067   11.725  15.272  1.00 71.22  ? 32 DA B "C1'" 1 
ATOM 660 N N9    . DA B 2 19 ? 8.267   13.165  15.229  1.00 86.77  ? 32 DA B N9    1 
ATOM 661 C C8    . DA B 2 19 ? 9.465   13.812  15.105  1.00 86.77  ? 32 DA B C8    1 
ATOM 662 N N7    . DA B 2 19 ? 9.361   15.113  15.019  1.00 86.77  ? 32 DA B N7    1 
ATOM 663 C C5    . DA B 2 19 ? 8.011   15.328  15.099  1.00 86.77  ? 32 DA B C5    1 
ATOM 664 C C6    . DA B 2 19 ? 7.276   16.468  15.030  1.00 86.77  ? 32 DA B C6    1 
ATOM 665 N N6    . DA B 2 19 ? 7.814   17.674  14.849  1.00 86.77  ? 32 DA B N6    1 
ATOM 666 N N1    . DA B 2 19 ? 5.944   16.350  15.141  1.00 86.77  ? 32 DA B N1    1 
ATOM 667 C C2    . DA B 2 19 ? 5.412   15.126  15.304  1.00 86.77  ? 32 DA B C2    1 
ATOM 668 N N3    . DA B 2 19 ? 6.012   13.966  15.370  1.00 86.77  ? 32 DA B N3    1 
ATOM 669 C C4    . DA B 2 19 ? 7.322   14.139  15.257  1.00 86.77  ? 32 DA B C4    1 
ATOM 670 P P     . DC B 2 20 ? 9.177   7.723   15.904  1.00 75.08  ? 33 DC B P     1 
ATOM 671 O OP1   . DC B 2 20 ? 8.875   7.203   17.243  1.00 75.08  ? 33 DC B OP1   1 
ATOM 672 O OP2   . DC B 2 20 ? 10.525  7.533   15.328  1.00 75.08  ? 33 DC B OP2   1 
ATOM 673 O "O5'" . DC B 2 20 ? 8.102   7.094   14.930  1.00 75.08  ? 33 DC B "O5'" 1 
ATOM 674 C "C5'" . DC B 2 20 ? 8.502   6.353   13.795  1.00 67.08  ? 33 DC B "C5'" 1 
ATOM 675 C "C4'" . DC B 2 20 ? 7.326   5.586   13.249  1.00 67.08  ? 33 DC B "C4'" 1 
ATOM 676 O "O4'" . DC B 2 20 ? 6.277   6.513   12.894  1.00 67.08  ? 33 DC B "O4'" 1 
ATOM 677 C "C3'" . DC B 2 20 ? 7.644   4.803   11.982  1.00 67.08  ? 33 DC B "C3'" 1 
ATOM 678 O "O3'" . DC B 2 20 ? 7.033   3.525   12.042  1.00 67.08  ? 33 DC B "O3'" 1 
ATOM 679 C "C2'" . DC B 2 20 ? 7.045   5.640   10.874  1.00 67.08  ? 33 DC B "C2'" 1 
ATOM 680 C "C1'" . DC B 2 20 ? 5.877   6.307   11.554  1.00 67.08  ? 33 DC B "C1'" 1 
ATOM 681 N N1    . DC B 2 20 ? 5.617   7.616   10.952  1.00 96.00  ? 33 DC B N1    1 
ATOM 682 C C2    . DC B 2 20 ? 4.329   7.919   10.506  1.00 96.00  ? 33 DC B C2    1 
ATOM 683 O O2    . DC B 2 20 ? 3.420   7.106   10.692  1.00 96.00  ? 33 DC B O2    1 
ATOM 684 N N3    . DC B 2 20 ? 4.107   9.091   9.883   1.00 96.00  ? 33 DC B N3    1 
ATOM 685 C C4    . DC B 2 20 ? 5.111   9.939   9.693   1.00 96.00  ? 33 DC B C4    1 
ATOM 686 N N4    . DC B 2 20 ? 4.854   11.062  9.033   1.00 96.00  ? 33 DC B N4    1 
ATOM 687 C C5    . DC B 2 20 ? 6.425   9.670   10.167  1.00 96.00  ? 33 DC B C5    1 
ATOM 688 C C6    . DC B 2 20 ? 6.630   8.511   10.790  1.00 96.00  ? 33 DC B C6    1 
ATOM 689 P P     . DG B 2 21 ? 7.548   2.366   11.076  1.00 73.14  ? 34 DG B P     1 
ATOM 690 O OP1   . DG B 2 21 ? 7.404   1.137   11.868  1.00 73.14  ? 34 DG B OP1   1 
ATOM 691 O OP2   . DG B 2 21 ? 8.864   2.730   10.532  1.00 73.14  ? 34 DG B OP2   1 
ATOM 692 O "O5'" . DG B 2 21 ? 6.470   2.338   9.914   1.00 73.14  ? 34 DG B "O5'" 1 
ATOM 693 C "C5'" . DG B 2 21 ? 5.084   2.348   10.247  1.00 90.23  ? 34 DG B "C5'" 1 
ATOM 694 C "C4'" . DG B 2 21 ? 4.252   2.789   9.066   1.00 90.23  ? 34 DG B "C4'" 1 
ATOM 695 O "O4'" . DG B 2 21 ? 4.530   4.166   8.731   1.00 90.23  ? 34 DG B "O4'" 1 
ATOM 696 C "C3'" . DG B 2 21 ? 4.493   2.012   7.774   1.00 90.23  ? 34 DG B "C3'" 1 
ATOM 697 O "O3'" . DG B 2 21 ? 3.303   1.978   7.012   1.00 90.23  ? 34 DG B "O3'" 1 
ATOM 698 C "C2'" . DG B 2 21 ? 5.467   2.891   7.025   1.00 90.23  ? 34 DG B "C2'" 1 
ATOM 699 C "C1'" . DG B 2 21 ? 4.887   4.242   7.359   1.00 90.23  ? 34 DG B "C1'" 1 
ATOM 700 N N9    . DG B 2 21 ? 5.858   5.317   7.226   1.00 72.54  ? 34 DG B N9    1 
ATOM 701 C C8    . DG B 2 21 ? 7.204   5.240   7.438   1.00 72.54  ? 34 DG B C8    1 
ATOM 702 N N7    . DG B 2 21 ? 7.806   6.387   7.286   1.00 72.54  ? 34 DG B N7    1 
ATOM 703 C C5    . DG B 2 21 ? 6.790   7.251   6.949   1.00 72.54  ? 34 DG B C5    1 
ATOM 704 C C6    . DG B 2 21 ? 6.824   8.616   6.688   1.00 72.54  ? 34 DG B C6    1 
ATOM 705 O O6    . DG B 2 21 ? 7.790   9.364   6.695   1.00 72.54  ? 34 DG B O6    1 
ATOM 706 N N1    . DG B 2 21 ? 5.575   9.113   6.404   1.00 72.54  ? 34 DG B N1    1 
ATOM 707 C C2    . DG B 2 21 ? 4.429   8.381   6.379   1.00 72.54  ? 34 DG B C2    1 
ATOM 708 N N2    . DG B 2 21 ? 3.323   9.052   6.115   1.00 72.54  ? 34 DG B N2    1 
ATOM 709 N N3    . DG B 2 21 ? 4.376   7.094   6.608   1.00 72.54  ? 34 DG B N3    1 
ATOM 710 C C4    . DG B 2 21 ? 5.579   6.602   6.892   1.00 72.54  ? 34 DG B C4    1 
ATOM 711 P P     . DA B 2 22 ? 2.948   0.664   6.198   1.00 79.61  ? 35 DA B P     1 
ATOM 712 O OP1   . DA B 2 22 ? 2.107   -0.118  7.129   1.00 79.61  ? 35 DA B OP1   1 
ATOM 713 O OP2   . DA B 2 22 ? 4.182   0.066   5.656   1.00 79.61  ? 35 DA B OP2   1 
ATOM 714 O "O5'" . DA B 2 22 ? 2.060   1.205   5.001   1.00 79.61  ? 35 DA B "O5'" 1 
ATOM 715 C "C5'" . DA B 2 22 ? 0.878   1.955   5.262   1.00 75.21  ? 35 DA B "C5'" 1 
ATOM 716 C "C4'" . DA B 2 22 ? 0.724   3.043   4.230   1.00 75.21  ? 35 DA B "C4'" 1 
ATOM 717 O "O4'" . DA B 2 22 ? 1.800   3.990   4.394   1.00 75.21  ? 35 DA B "O4'" 1 
ATOM 718 C "C3'" . DA B 2 22 ? 0.821   2.552   2.789   1.00 75.21  ? 35 DA B "C3'" 1 
ATOM 719 O "O3'" . DA B 2 22 ? -0.085  3.282   1.981   1.00 75.21  ? 35 DA B "O3'" 1 
ATOM 720 C "C2'" . DA B 2 22 ? 2.246   2.882   2.400   1.00 75.21  ? 35 DA B "C2'" 1 
ATOM 721 C "C1'" . DA B 2 22 ? 2.461   4.171   3.160   1.00 75.21  ? 35 DA B "C1'" 1 
ATOM 722 N N9    . DA B 2 22 ? 3.852   4.482   3.458   1.00 74.38  ? 35 DA B N9    1 
ATOM 723 C C8    . DA B 2 22 ? 4.794   3.682   4.038   1.00 74.38  ? 35 DA B C8    1 
ATOM 724 N N7    . DA B 2 22 ? 5.943   4.274   4.211   1.00 74.38  ? 35 DA B N7    1 
ATOM 725 C C5    . DA B 2 22 ? 5.741   5.542   3.707   1.00 74.38  ? 35 DA B C5    1 
ATOM 726 C C6    . DA B 2 22 ? 6.561   6.649   3.620   1.00 74.38  ? 35 DA B C6    1 
ATOM 727 N N6    . DA B 2 22 ? 7.803   6.665   4.060   1.00 74.38  ? 35 DA B N6    1 
ATOM 728 N N1    . DA B 2 22 ? 6.064   7.760   3.069   1.00 74.38  ? 35 DA B N1    1 
ATOM 729 C C2    . DA B 2 22 ? 4.809   7.743   2.644   1.00 74.38  ? 35 DA B C2    1 
ATOM 730 N N3    . DA B 2 22 ? 3.929   6.763   2.677   1.00 74.38  ? 35 DA B N3    1 
ATOM 731 C C4    . DA B 2 22 ? 4.465   5.678   3.228   1.00 74.38  ? 35 DA B C4    1 
ATOM 732 P P     . DC B 2 23 ? -1.564  2.725   1.774   1.00 85.65  ? 36 DC B P     1 
ATOM 733 O OP1   . DC B 2 23 ? -2.443  3.871   1.480   1.00 85.65  ? 36 DC B OP1   1 
ATOM 734 O OP2   . DC B 2 23 ? -1.874  1.831   2.909   1.00 85.65  ? 36 DC B OP2   1 
ATOM 735 O "O5'" . DC B 2 23 ? -1.461  1.847   0.463   1.00 85.65  ? 36 DC B "O5'" 1 
ATOM 736 C "C5'" . DC B 2 23 ? -1.085  0.482   0.546   1.00 70.57  ? 36 DC B "C5'" 1 
ATOM 737 C "C4'" . DC B 2 23 ? -1.971  -0.332  -0.355  1.00 70.57  ? 36 DC B "C4'" 1 
ATOM 738 O "O4'" . DC B 2 23 ? -1.601  -1.713  -0.205  1.00 70.57  ? 36 DC B "O4'" 1 
ATOM 739 C "C3'" . DC B 2 23 ? -3.460  -0.233  -0.021  1.00 70.57  ? 36 DC B "C3'" 1 
ATOM 740 O "O3'" . DC B 2 23 ? -4.123  0.552   -1.021  1.00 70.57  ? 36 DC B "O3'" 1 
ATOM 741 C "C2'" . DC B 2 23 ? -3.951  -1.664  -0.106  1.00 70.57  ? 36 DC B "C2'" 1 
ATOM 742 C "C1'" . DC B 2 23 ? -2.713  -2.488  0.174   1.00 70.57  ? 36 DC B "C1'" 1 
ATOM 743 N N1    . DC B 2 23 ? -2.556  -2.844  1.583   1.00 105.64 ? 36 DC B N1    1 
ATOM 744 C C2    . DC B 2 23 ? -3.439  -3.764  2.120   1.00 105.64 ? 36 DC B C2    1 
ATOM 745 O O2    . DC B 2 23 ? -4.340  -4.207  1.398   1.00 105.64 ? 36 DC B O2    1 
ATOM 746 N N3    . DC B 2 23 ? -3.316  -4.148  3.404   1.00 105.64 ? 36 DC B N3    1 
ATOM 747 C C4    . DC B 2 23 ? -2.346  -3.638  4.154   1.00 105.64 ? 36 DC B C4    1 
ATOM 748 N N4    . DC B 2 23 ? -2.252  -4.080  5.422   1.00 105.64 ? 36 DC B N4    1 
ATOM 749 C C5    . DC B 2 23 ? -1.431  -2.666  3.641   1.00 105.64 ? 36 DC B C5    1 
ATOM 750 C C6    . DC B 2 23 ? -1.569  -2.303  2.357   1.00 105.64 ? 36 DC B C6    1 
ATOM 751 P P     . DT B 2 24 ? -5.634  1.066   -0.784  1.00 81.24  ? 37 DT B P     1 
ATOM 752 O OP1   . DT B 2 24 ? -6.195  1.425   -2.101  1.00 81.24  ? 37 DT B OP1   1 
ATOM 753 O OP2   . DT B 2 24 ? -5.625  2.078   0.297   1.00 81.24  ? 37 DT B OP2   1 
ATOM 754 O "O5'" . DT B 2 24 ? -6.441  -0.210  -0.276  1.00 81.24  ? 37 DT B "O5'" 1 
ATOM 755 C "C5'" . DT B 2 24 ? -6.892  -1.204  -1.213  1.00 97.25  ? 37 DT B "C5'" 1 
ATOM 756 C "C4'" . DT B 2 24 ? -7.795  -2.210  -0.534  1.00 97.25  ? 37 DT B "C4'" 1 
ATOM 757 O "O4'" . DT B 2 24 ? -7.065  -3.052  0.375   1.00 97.25  ? 37 DT B "O4'" 1 
ATOM 758 C "C3'" . DT B 2 24 ? -8.896  -1.599  0.310   1.00 97.25  ? 37 DT B "C3'" 1 
ATOM 759 O "O3'" . DT B 2 24 ? -10.033 -1.423  -0.494  1.00 97.25  ? 37 DT B "O3'" 1 
ATOM 760 C "C2'" . DT B 2 24 ? -9.204  -2.686  1.318   1.00 97.25  ? 37 DT B "C2'" 1 
ATOM 761 C "C1'" . DT B 2 24 ? -7.872  -3.374  1.501   1.00 97.25  ? 37 DT B "C1'" 1 
ATOM 762 N N1    . DT B 2 24 ? -7.159  -2.926  2.690   1.00 115.72 ? 37 DT B N1    1 
ATOM 763 C C2    . DT B 2 24 ? -7.439  -3.545  3.875   1.00 115.72 ? 37 DT B C2    1 
ATOM 764 O O2    . DT B 2 24 ? -8.320  -4.370  3.992   1.00 115.72 ? 37 DT B O2    1 
ATOM 765 N N3    . DT B 2 24 ? -6.657  -3.158  4.922   1.00 115.72 ? 37 DT B N3    1 
ATOM 766 C C4    . DT B 2 24 ? -5.671  -2.208  4.908   1.00 115.72 ? 37 DT B C4    1 
ATOM 767 O O4    . DT B 2 24 ? -5.035  -1.982  5.930   1.00 115.72 ? 37 DT B O4    1 
ATOM 768 C C5    . DT B 2 24 ? -5.469  -1.550  3.631   1.00 115.72 ? 37 DT B C5    1 
ATOM 769 C C7    . DT B 2 24 ? -4.436  -0.476  3.516   1.00 115.72 ? 37 DT B C7    1 
ATOM 770 C C6    . DT B 2 24 ? -6.218  -1.937  2.602   1.00 115.72 ? 37 DT B C6    1 
ATOM 771 P P     . DG B 2 25 ? -11.312 -0.715  0.126   1.00 102.74 ? 38 DG B P     1 
ATOM 772 O OP1   . DG B 2 25 ? -12.352 -0.940  -0.905  1.00 102.74 ? 38 DG B OP1   1 
ATOM 773 O OP2   . DG B 2 25 ? -10.918 0.669   0.504   1.00 102.74 ? 38 DG B OP2   1 
ATOM 774 O "O5'" . DG B 2 25 ? -11.649 -1.553  1.445   1.00 102.74 ? 38 DG B "O5'" 1 
ATOM 775 C "C5'" . DG B 2 25 ? -12.480 -2.731  1.389   1.00 133.21 ? 38 DG B "C5'" 1 
ATOM 776 C "C4'" . DG B 2 25 ? -12.872 -3.178  2.783   1.00 133.21 ? 38 DG B "C4'" 1 
ATOM 777 O "O4'" . DG B 2 25 ? -11.696 -3.570  3.528   1.00 133.21 ? 38 DG B "O4'" 1 
ATOM 778 C "C3'" . DG B 2 25 ? -13.537 -2.141  3.683   1.00 133.21 ? 38 DG B "C3'" 1 
ATOM 779 O "O3'" . DG B 2 25 ? -14.946 -2.017  3.437   1.00 133.21 ? 38 DG B "O3'" 1 
ATOM 780 C "C2'" . DG B 2 25 ? -13.300 -2.707  5.069   1.00 133.21 ? 38 DG B "C2'" 1 
ATOM 781 C "C1'" . DG B 2 25 ? -11.961 -3.425  4.929   1.00 133.21 ? 38 DG B "C1'" 1 
ATOM 782 N N9    . DG B 2 25 ? -10.849 -2.689  5.522   1.00 121.42 ? 38 DG B N9    1 
ATOM 783 C C8    . DG B 2 25 ? -9.970  -1.865  4.862   1.00 121.42 ? 38 DG B C8    1 
ATOM 784 N N7    . DG B 2 25 ? -9.035  -1.391  5.640   1.00 121.42 ? 38 DG B N7    1 
ATOM 785 C C5    . DG B 2 25 ? -9.324  -1.920  6.892   1.00 121.42 ? 38 DG B C5    1 
ATOM 786 C C6    . DG B 2 25 ? -8.645  -1.773  8.130   1.00 121.42 ? 38 DG B C6    1 
ATOM 787 O O6    . DG B 2 25 ? -7.630  -1.126  8.373   1.00 121.42 ? 38 DG B O6    1 
ATOM 788 N N1    . DG B 2 25 ? -9.260  -2.486  9.147   1.00 121.42 ? 38 DG B N1    1 
ATOM 789 C C2    . DG B 2 25 ? -10.391 -3.242  9.005   1.00 121.42 ? 38 DG B C2    1 
ATOM 790 N N2    . DG B 2 25 ? -10.818 -3.869  10.118  1.00 121.42 ? 38 DG B N2    1 
ATOM 791 N N3    . DG B 2 25 ? -11.049 -3.384  7.855   1.00 121.42 ? 38 DG B N3    1 
ATOM 792 C C4    . DG B 2 25 ? -10.452 -2.707  6.846   1.00 121.42 ? 38 DG B C4    1 
ATOM 793 P P     . DT B 2 26 ? -15.668 -0.585  3.614   1.00 157.76 ? 39 DT B P     1 
ATOM 794 O OP1   . DT B 2 26 ? -16.854 -0.532  2.704   1.00 157.76 ? 39 DT B OP1   1 
ATOM 795 O OP2   . DT B 2 26 ? -14.605 0.463   3.491   1.00 157.76 ? 39 DT B OP2   1 
ATOM 796 O "O5'" . DT B 2 26 ? -16.191 -0.578  5.125   1.00 157.76 ? 39 DT B "O5'" 1 
ATOM 797 C "C5'" . DT B 2 26 ? -17.251 -1.460  5.537   1.00 118.20 ? 39 DT B "C5'" 1 
ATOM 798 C "C4'" . DT B 2 26 ? -17.099 -1.821  6.996   1.00 118.20 ? 39 DT B "C4'" 1 
ATOM 799 O "O4'" . DT B 2 26 ? -15.758 -2.326  7.169   1.00 118.20 ? 39 DT B "O4'" 1 
ATOM 800 C "C3'" . DT B 2 26 ? -17.217 -0.677  8.010   1.00 118.20 ? 39 DT B "C3'" 1 
ATOM 801 O "O3'" . DT B 2 26 ? -18.562 -0.583  8.505   1.00 118.20 ? 39 DT B "O3'" 1 
ATOM 802 C "C2'" . DT B 2 26 ? -16.343 -1.154  9.154   1.00 118.20 ? 39 DT B "C2'" 1 
ATOM 803 C "C1'" . DT B 2 26 ? -15.278 -2.001  8.474   1.00 118.20 ? 39 DT B "C1'" 1 
ATOM 804 N N1    . DT B 2 26 ? -13.994 -1.287  8.341   1.00 128.53 ? 39 DT B N1    1 
ATOM 805 C C2    . DT B 2 26 ? -13.212 -1.177  9.476   1.00 128.53 ? 39 DT B C2    1 
ATOM 806 O O2    . DT B 2 26 ? -13.563 -1.602  10.569  1.00 128.53 ? 39 DT B O2    1 
ATOM 807 N N3    . DT B 2 26 ? -12.006 -0.539  9.289   1.00 128.53 ? 39 DT B N3    1 
ATOM 808 C C4    . DT B 2 26 ? -11.524 0.000   8.115   1.00 128.53 ? 39 DT B C4    1 
ATOM 809 O O4    . DT B 2 26 ? -10.423 0.556   8.110   1.00 128.53 ? 39 DT B O4    1 
ATOM 810 C C5    . DT B 2 26 ? -12.402 -0.144  6.959   1.00 128.53 ? 39 DT B C5    1 
ATOM 811 C C7    . DT B 2 26 ? -11.960 0.391   5.633   1.00 128.53 ? 39 DT B C7    1 
ATOM 812 C C6    . DT B 2 26 ? -13.578 -0.767  7.134   1.00 128.53 ? 39 DT B C6    1 
ATOM 813 P P     . DC B 2 27 ? -18.939 0.491   9.669   1.00 175.70 ? 40 DC B P     1 
ATOM 814 O OP1   . DC B 2 27 ? -20.290 0.119   10.201  1.00 175.70 ? 40 DC B OP1   1 
ATOM 815 O OP2   . DC B 2 27 ? -18.704 1.878   9.147   1.00 175.70 ? 40 DC B OP2   1 
ATOM 816 O "O5'" . DC B 2 27 ? -17.899 0.209   10.846  1.00 175.70 ? 40 DC B "O5'" 1 
ATOM 817 C "C5'" . DC B 2 27 ? -18.306 -0.500  12.026  1.00 117.02 ? 40 DC B "C5'" 1 
ATOM 818 C "C4'" . DC B 2 27 ? -17.341 -0.207  13.145  1.00 117.02 ? 40 DC B "C4'" 1 
ATOM 819 O "O4'" . DC B 2 27 ? -16.011 -0.410  12.626  1.00 117.02 ? 40 DC B "O4'" 1 
ATOM 820 C "C3'" . DC B 2 27 ? -17.340 1.250   13.605  1.00 117.02 ? 40 DC B "C3'" 1 
ATOM 821 O "O3'" . DC B 2 27 ? -18.239 1.436   14.690  1.00 117.02 ? 40 DC B "O3'" 1 
ATOM 822 C "C2'" . DC B 2 27 ? -15.931 1.428   14.127  1.00 117.02 ? 40 DC B "C2'" 1 
ATOM 823 C "C1'" . DC B 2 27 ? -15.118 0.564   13.182  1.00 117.02 ? 40 DC B "C1'" 1 
ATOM 824 N N1    . DC B 2 27 ? -14.461 1.303   12.077  1.00 113.65 ? 40 DC B N1    1 
ATOM 825 C C2    . DC B 2 27 ? -13.253 1.970   12.341  1.00 113.65 ? 40 DC B C2    1 
ATOM 826 O O2    . DC B 2 27 ? -12.833 2.007   13.500  1.00 113.65 ? 40 DC B O2    1 
ATOM 827 N N3    . DC B 2 27 ? -12.590 2.566   11.330  1.00 113.65 ? 40 DC B N3    1 
ATOM 828 C C4    . DC B 2 27 ? -13.097 2.537   10.106  1.00 113.65 ? 40 DC B C4    1 
ATOM 829 N N4    . DC B 2 27 ? -12.383 3.089   9.138   1.00 113.65 ? 40 DC B N4    1 
ATOM 830 C C5    . DC B 2 27 ? -14.351 1.924   9.819   1.00 113.65 ? 40 DC B C5    1 
ATOM 831 C C6    . DC B 2 27 ? -14.994 1.323   10.822  1.00 113.65 ? 40 DC B C6    1 
ATOM 832 P P     . DC B 2 28 ? -18.098 2.729   15.602  1.00 136.18 ? 41 DC B P     1 
ATOM 833 O OP1   . DC B 2 28 ? -19.031 2.587   16.760  1.00 136.18 ? 41 DC B OP1   1 
ATOM 834 O OP2   . DC B 2 28 ? -18.219 3.890   14.684  1.00 136.18 ? 41 DC B OP2   1 
ATOM 835 O "O5'" . DC B 2 28 ? -16.599 2.706   16.175  1.00 136.18 ? 41 DC B "O5'" 1 
ATOM 836 C "C5'" . DC B 2 28 ? -16.358 2.622   17.604  1.00 156.75 ? 41 DC B "C5'" 1 
ATOM 837 C "C4'" . DC B 2 28 ? -15.399 3.721   18.048  1.00 156.75 ? 41 DC B "C4'" 1 
ATOM 838 O "O4'" . DC B 2 28 ? -14.213 3.670   17.220  1.00 156.75 ? 41 DC B "O4'" 1 
ATOM 839 C "C3'" . DC B 2 28 ? -15.926 5.147   17.893  1.00 156.75 ? 41 DC B "C3'" 1 
ATOM 840 O "O3'" . DC B 2 28 ? -16.662 5.601   19.081  1.00 156.75 ? 41 DC B "O3'" 1 
ATOM 841 C "C2'" . DC B 2 28 ? -14.661 5.970   17.673  1.00 156.75 ? 41 DC B "C2'" 1 
ATOM 842 C "C1'" . DC B 2 28 ? -13.708 4.988   16.974  1.00 156.75 ? 41 DC B "C1'" 1 
ATOM 843 N N1    . DC B 2 28 ? -13.612 5.162   15.512  1.00 104.32 ? 41 DC B N1    1 
ATOM 844 C C2    . DC B 2 28 ? -12.508 5.842   14.971  1.00 104.32 ? 41 DC B C2    1 
ATOM 845 O O2    . DC B 2 28 ? -11.634 6.287   15.736  1.00 104.32 ? 41 DC B O2    1 
ATOM 846 N N3    . DC B 2 28 ? -12.427 6.000   13.631  1.00 104.32 ? 41 DC B N3    1 
ATOM 847 C C4    . DC B 2 28 ? -13.389 5.499   12.843  1.00 104.32 ? 41 DC B C4    1 
ATOM 848 N N4    . DC B 2 28 ? -13.274 5.653   11.525  1.00 104.32 ? 41 DC B N4    1 
ATOM 849 C C5    . DC B 2 28 ? -14.520 4.806   13.371  1.00 104.32 ? 41 DC B C5    1 
ATOM 850 C C6    . DC B 2 28 ? -14.588 4.658   14.696  1.00 104.32 ? 41 DC B C6    1 
# 
